data_8ABQ
#
_entry.id   8ABQ
#
_cell.length_a   52.690
_cell.length_b   51.470
_cell.length_c   192.320
_cell.angle_alpha   90.000
_cell.angle_beta   90.000
_cell.angle_gamma   90.000
#
_symmetry.space_group_name_H-M   'P 1 2 1'
#
loop_
_entity.id
_entity.type
_entity.pdbx_description
1 polymer 'Sorting nexin-1'
2 polymer 'Sorting nexin-5'
3 non-polymer 'PLATINUM (II) ION'
4 water water
#
loop_
_entity_poly.entity_id
_entity_poly.type
_entity_poly.pdbx_seq_one_letter_code
_entity_poly.pdbx_strand_id
1 'polypeptide(L)'
;KMNESDIWFEEKLQEVECEEQRLRKLHAVVETLVNHRKELALNTAQFAKSLAMLGSSEDNTALSRALSQLAEVEEKIEQL
HQEQANNDFFLLAELLSDYIRLLAIVRAAFDQRMKTWQRWQDAQATLQKKREAEARLLWANKPDKLQQAKDEILEWESRV
TQYERDFERISTVVRKEVIRFEKEKSKDFKNHVIKYLETLLYSQQQLAKYWEAFLPEAKAIS
;
A,B
2 'polypeptide(L)'
;DEVLFTGVKEVDDFFEQEKNFLINYYNRIKDSCVKADKMTRSHKNVADDYIHTAACLHSLALEEPTVIKKYLLKVAELFE
KLRKVEGRVSSDEDLKLTELLRYYMLNIEAAKDLLYRRTKALIDYENSNKALDKARLKSKDVKLAEAHQQECCQKFEQLS
ESAKEELINFKRKRVAAFRKNLIEMSELEIKHARNNVSLLQSCIDLFKNN
;
C,D
#
loop_
_chem_comp.id
_chem_comp.type
_chem_comp.name
_chem_comp.formula
PT non-polymer 'PLATINUM (II) ION' 'Pt 2'
#
# COMPACT_ATOMS: atom_id res chain seq x y z
N ASP A 6 -32.55 60.79 8.97
CA ASP A 6 -34.00 60.66 8.83
C ASP A 6 -34.45 59.23 9.11
N ILE A 7 -35.53 58.80 8.46
CA ILE A 7 -36.07 57.47 8.70
C ILE A 7 -35.30 56.41 7.91
N TRP A 8 -34.86 56.75 6.69
CA TRP A 8 -34.08 55.80 5.91
C TRP A 8 -32.77 55.42 6.59
N PHE A 9 -32.28 56.28 7.48
CA PHE A 9 -31.06 55.96 8.23
C PHE A 9 -31.37 55.03 9.39
N GLU A 10 -32.52 55.22 10.05
CA GLU A 10 -32.97 54.26 11.05
C GLU A 10 -33.32 52.92 10.41
N GLU A 11 -33.81 52.95 9.16
CA GLU A 11 -34.08 51.72 8.43
C GLU A 11 -32.80 50.92 8.23
N LYS A 12 -31.81 51.53 7.57
CA LYS A 12 -30.59 50.83 7.18
C LYS A 12 -29.66 50.60 8.37
N LEU A 13 -30.21 50.63 9.58
CA LEU A 13 -29.46 50.26 10.77
C LEU A 13 -30.08 49.08 11.50
N GLN A 14 -31.41 48.97 11.53
CA GLN A 14 -32.06 47.86 12.22
C GLN A 14 -31.79 46.54 11.51
N GLU A 15 -32.12 46.47 10.23
CA GLU A 15 -31.91 45.23 9.48
C GLU A 15 -30.43 44.86 9.44
N VAL A 16 -29.56 45.85 9.26
CA VAL A 16 -28.12 45.59 9.19
C VAL A 16 -27.63 44.96 10.49
N GLU A 17 -28.00 45.53 11.63
CA GLU A 17 -27.77 44.86 12.90
C GLU A 17 -28.31 43.44 12.88
N CYS A 18 -29.57 43.29 12.50
CA CYS A 18 -30.16 41.97 12.38
C CYS A 18 -29.56 41.15 11.24
N GLU A 19 -29.10 41.80 10.17
CA GLU A 19 -28.45 41.08 9.07
C GLU A 19 -27.04 40.65 9.46
N GLU A 20 -26.24 41.57 10.00
CA GLU A 20 -24.92 41.20 10.50
C GLU A 20 -25.02 40.12 11.57
N GLN A 21 -26.09 40.15 12.37
CA GLN A 21 -26.33 39.07 13.32
C GLN A 21 -26.54 37.75 12.59
N ARG A 22 -27.41 37.73 11.58
CA ARG A 22 -27.56 36.54 10.75
C ARG A 22 -26.27 36.22 10.02
N LEU A 23 -25.51 37.24 9.63
CA LEU A 23 -24.24 37.00 8.97
C LEU A 23 -23.23 36.41 9.94
N ARG A 24 -23.22 36.90 11.18
CA ARG A 24 -22.31 36.36 12.19
C ARG A 24 -22.71 34.97 12.63
N LYS A 25 -24.01 34.67 12.67
CA LYS A 25 -24.48 33.36 13.09
C LYS A 25 -24.15 32.28 12.06
N LEU A 26 -23.90 32.65 10.80
CA LEU A 26 -23.53 31.68 9.78
C LEU A 26 -22.04 31.36 9.80
N HIS A 27 -21.21 32.34 10.12
CA HIS A 27 -19.77 32.10 10.19
C HIS A 27 -19.39 31.12 11.29
N ALA A 28 -20.25 30.96 12.30
CA ALA A 28 -19.95 30.05 13.40
C ALA A 28 -19.97 28.60 12.94
N VAL A 29 -20.87 28.25 12.03
CA VAL A 29 -20.98 26.87 11.57
C VAL A 29 -19.72 26.46 10.80
N VAL A 30 -19.23 27.34 9.92
CA VAL A 30 -18.07 27.00 9.10
C VAL A 30 -16.83 26.77 9.97
N GLU A 31 -16.65 27.60 10.99
CA GLU A 31 -15.49 27.45 11.87
C GLU A 31 -15.49 26.10 12.56
N THR A 32 -16.67 25.54 12.83
CA THR A 32 -16.76 24.17 13.35
C THR A 32 -16.72 23.13 12.25
N LEU A 33 -17.28 23.44 11.08
CA LEU A 33 -17.21 22.52 9.95
C LEU A 33 -15.77 22.33 9.48
N VAL A 34 -15.02 23.43 9.38
CA VAL A 34 -13.61 23.34 9.04
C VAL A 34 -12.87 22.52 10.09
N ASN A 35 -13.19 22.73 11.37
CA ASN A 35 -12.58 21.94 12.43
C ASN A 35 -12.98 20.47 12.33
N HIS A 36 -14.19 20.19 11.83
CA HIS A 36 -14.64 18.80 11.73
C HIS A 36 -13.94 18.07 10.59
N ARG A 37 -13.84 18.69 9.43
CA ARG A 37 -13.21 18.03 8.29
C ARG A 37 -11.72 17.79 8.56
N LYS A 38 -11.02 18.78 9.13
CA LYS A 38 -9.63 18.57 9.50
C LYS A 38 -9.51 17.43 10.51
N GLU A 39 -10.44 17.35 11.46
CA GLU A 39 -10.47 16.22 12.38
C GLU A 39 -10.68 14.91 11.65
N LEU A 40 -11.45 14.92 10.56
CA LEU A 40 -11.66 13.71 9.78
C LEU A 40 -10.44 13.36 8.95
N ALA A 41 -9.73 14.38 8.45
CA ALA A 41 -8.50 14.13 7.71
C ALA A 41 -7.49 13.38 8.56
N LEU A 42 -7.36 13.76 9.83
CA LEU A 42 -6.51 13.01 10.75
C LEU A 42 -7.10 11.62 11.02
N ASN A 43 -8.41 11.54 11.22
CA ASN A 43 -9.07 10.26 11.44
C ASN A 43 -9.08 9.39 10.19
N THR A 44 -8.63 9.91 9.06
CA THR A 44 -8.49 9.13 7.84
C THR A 44 -7.06 8.65 7.63
N ALA A 45 -6.09 9.55 7.73
CA ALA A 45 -4.70 9.15 7.61
C ALA A 45 -4.30 8.18 8.72
N GLN A 46 -4.76 8.46 9.95
CA GLN A 46 -4.52 7.52 11.05
C GLN A 46 -5.18 6.17 10.76
N PHE A 47 -6.33 6.19 10.10
CA PHE A 47 -6.97 4.95 9.70
C PHE A 47 -6.19 4.26 8.59
N ALA A 48 -5.65 5.04 7.65
CA ALA A 48 -4.79 4.46 6.62
C ALA A 48 -3.52 3.89 7.22
N LYS A 49 -2.94 4.58 8.20
CA LYS A 49 -1.76 4.09 8.89
C LYS A 49 -2.01 2.78 9.63
N SER A 50 -3.26 2.38 9.79
CA SER A 50 -3.61 1.09 10.39
C SER A 50 -3.88 0.01 9.35
N LEU A 51 -4.39 0.38 8.17
CA LEU A 51 -4.59 -0.60 7.12
C LEU A 51 -3.29 -1.01 6.46
N ALA A 52 -2.21 -0.24 6.67
CA ALA A 52 -0.91 -0.61 6.13
C ALA A 52 -0.22 -1.62 7.03
N MET A 53 -0.22 -1.37 8.34
CA MET A 53 0.36 -2.33 9.29
C MET A 53 -0.39 -3.65 9.24
N LEU A 54 -1.70 -3.61 8.95
CA LEU A 54 -2.45 -4.83 8.75
C LEU A 54 -1.96 -5.57 7.50
N GLY A 55 -2.00 -4.90 6.35
CA GLY A 55 -1.52 -5.52 5.13
C GLY A 55 -0.08 -5.99 5.22
N SER A 56 0.72 -5.37 6.09
CA SER A 56 2.07 -5.86 6.34
C SER A 56 2.05 -7.10 7.20
N SER A 57 1.27 -7.06 8.29
CA SER A 57 1.13 -8.22 9.19
C SER A 57 0.07 -9.15 8.60
N GLU A 58 0.50 -9.95 7.63
CA GLU A 58 -0.41 -10.84 6.93
C GLU A 58 0.39 -11.93 6.24
N ASP A 59 -0.19 -13.13 6.15
CA ASP A 59 0.45 -14.26 5.49
C ASP A 59 0.02 -14.39 4.03
N ASN A 60 -1.24 -14.09 3.72
CA ASN A 60 -1.69 -14.06 2.33
C ASN A 60 -0.97 -12.96 1.58
N THR A 61 -0.77 -13.19 0.28
CA THR A 61 -0.09 -12.22 -0.58
C THR A 61 -1.07 -11.35 -1.36
N ALA A 62 -2.10 -11.96 -1.95
CA ALA A 62 -3.07 -11.19 -2.73
C ALA A 62 -3.80 -10.17 -1.87
N LEU A 63 -4.14 -10.54 -0.64
CA LEU A 63 -4.79 -9.60 0.26
C LEU A 63 -3.82 -8.55 0.77
N SER A 64 -2.61 -8.98 1.17
CA SER A 64 -1.60 -8.04 1.63
C SER A 64 -1.27 -7.01 0.55
N ARG A 65 -1.33 -7.41 -0.72
CA ARG A 65 -1.13 -6.46 -1.81
C ARG A 65 -2.23 -5.42 -1.82
N ALA A 66 -3.48 -5.85 -1.92
CA ALA A 66 -4.59 -4.92 -2.01
C ALA A 66 -4.80 -4.13 -0.72
N LEU A 67 -4.47 -4.74 0.43
CA LEU A 67 -4.61 -4.03 1.69
C LEU A 67 -3.72 -2.79 1.72
N SER A 68 -2.46 -2.93 1.28
CA SER A 68 -1.60 -1.76 1.15
C SER A 68 -2.14 -0.81 0.09
N GLN A 69 -2.57 -1.35 -1.05
CA GLN A 69 -3.16 -0.52 -2.10
C GLN A 69 -4.39 0.22 -1.62
N LEU A 70 -5.03 -0.26 -0.54
CA LEU A 70 -6.15 0.47 0.05
C LEU A 70 -5.67 1.55 1.01
N ALA A 71 -4.70 1.21 1.88
CA ALA A 71 -4.18 2.18 2.82
C ALA A 71 -3.57 3.38 2.11
N GLU A 72 -3.04 3.18 0.91
CA GLU A 72 -2.51 4.30 0.14
C GLU A 72 -3.62 5.22 -0.35
N VAL A 73 -4.79 4.64 -0.66
CA VAL A 73 -5.89 5.44 -1.21
C VAL A 73 -6.38 6.44 -0.18
N GLU A 74 -6.56 5.99 1.07
CA GLU A 74 -7.01 6.89 2.13
C GLU A 74 -6.02 8.01 2.38
N GLU A 75 -4.72 7.74 2.24
CA GLU A 75 -3.73 8.79 2.36
C GLU A 75 -3.90 9.85 1.28
N LYS A 76 -4.42 9.45 0.12
CA LYS A 76 -4.78 10.42 -0.91
C LYS A 76 -6.05 11.17 -0.57
N ILE A 77 -6.86 10.64 0.34
CA ILE A 77 -8.13 11.27 0.71
C ILE A 77 -7.94 12.29 1.82
N GLU A 78 -7.12 11.96 2.83
CA GLU A 78 -6.85 12.92 3.89
C GLU A 78 -6.21 14.19 3.33
N GLN A 79 -5.43 14.08 2.26
CA GLN A 79 -4.92 15.27 1.59
C GLN A 79 -6.05 16.01 0.87
N LEU A 80 -6.89 15.27 0.14
CA LEU A 80 -8.08 15.87 -0.44
C LEU A 80 -8.97 16.45 0.65
N HIS A 81 -9.04 15.79 1.81
CA HIS A 81 -9.74 16.35 2.95
C HIS A 81 -9.04 17.58 3.47
N GLN A 82 -7.71 17.53 3.60
CA GLN A 82 -6.96 18.68 4.07
C GLN A 82 -7.14 19.88 3.15
N GLU A 83 -7.00 19.66 1.84
CA GLU A 83 -7.23 20.73 0.89
C GLU A 83 -8.66 21.24 0.98
N GLN A 84 -9.61 20.34 1.20
CA GLN A 84 -11.02 20.74 1.25
C GLN A 84 -11.27 21.71 2.40
N ALA A 85 -10.88 21.33 3.62
CA ALA A 85 -11.15 22.17 4.78
C ALA A 85 -10.46 23.52 4.66
N ASN A 86 -9.20 23.53 4.18
CA ASN A 86 -8.49 24.79 4.01
C ASN A 86 -9.15 25.65 2.95
N ASN A 87 -9.45 25.07 1.79
CA ASN A 87 -10.20 25.80 0.77
C ASN A 87 -11.60 26.16 1.23
N ASP A 88 -12.08 25.55 2.32
CA ASP A 88 -13.30 26.02 2.96
C ASP A 88 -13.03 27.19 3.88
N PHE A 89 -11.82 27.28 4.44
CA PHE A 89 -11.49 28.33 5.39
C PHE A 89 -11.01 29.60 4.68
N PHE A 90 -9.96 29.47 3.86
CA PHE A 90 -9.38 30.65 3.21
C PHE A 90 -10.32 31.26 2.18
N LEU A 91 -11.25 30.48 1.64
CA LEU A 91 -12.08 30.92 0.54
C LEU A 91 -13.52 31.18 0.92
N LEU A 92 -14.01 30.62 2.02
CA LEU A 92 -15.37 30.84 2.47
C LEU A 92 -15.44 31.47 3.84
N ALA A 93 -14.70 30.95 4.82
CA ALA A 93 -14.72 31.52 6.16
C ALA A 93 -14.12 32.92 6.16
N GLU A 94 -12.94 33.08 5.56
CA GLU A 94 -12.34 34.42 5.48
C GLU A 94 -13.15 35.32 4.55
N LEU A 95 -13.88 34.74 3.60
CA LEU A 95 -14.83 35.52 2.82
C LEU A 95 -15.93 36.10 3.73
N LEU A 96 -16.29 35.38 4.78
CA LEU A 96 -17.27 35.88 5.73
C LEU A 96 -16.63 36.87 6.71
N SER A 97 -15.64 36.40 7.48
CA SER A 97 -15.02 37.20 8.52
C SER A 97 -14.58 38.58 8.04
N ASP A 98 -14.39 38.76 6.73
CA ASP A 98 -14.04 40.06 6.19
C ASP A 98 -15.26 40.84 5.72
N TYR A 99 -16.38 40.18 5.47
CA TYR A 99 -17.58 40.90 5.03
C TYR A 99 -18.35 41.47 6.21
N ILE A 100 -18.39 40.75 7.34
CA ILE A 100 -18.92 41.34 8.56
C ILE A 100 -18.03 42.50 8.98
N ARG A 101 -16.72 42.42 8.69
CA ARG A 101 -15.84 43.56 8.87
C ARG A 101 -16.28 44.73 8.00
N LEU A 102 -16.73 44.44 6.77
CA LEU A 102 -17.28 45.50 5.94
C LEU A 102 -18.53 46.10 6.57
N LEU A 103 -19.41 45.27 7.10
CA LEU A 103 -20.59 45.77 7.79
C LEU A 103 -20.23 46.59 9.01
N ALA A 104 -19.05 46.37 9.60
CA ALA A 104 -18.61 47.17 10.73
C ALA A 104 -18.22 48.58 10.32
N ILE A 105 -17.92 48.80 9.03
CA ILE A 105 -17.58 50.14 8.57
C ILE A 105 -18.83 51.02 8.53
N VAL A 106 -19.92 50.49 7.99
CA VAL A 106 -21.17 51.25 7.97
C VAL A 106 -21.71 51.41 9.38
N ARG A 107 -21.36 50.50 10.30
CA ARG A 107 -21.72 50.68 11.69
C ARG A 107 -20.95 51.83 12.34
N ALA A 108 -19.77 52.16 11.79
CA ALA A 108 -19.04 53.34 12.23
C ALA A 108 -19.48 54.59 11.48
N ALA A 109 -19.82 54.45 10.20
CA ALA A 109 -20.35 55.58 9.43
C ALA A 109 -21.67 56.07 10.02
N PHE A 110 -22.59 55.14 10.26
CA PHE A 110 -23.85 55.50 10.92
C PHE A 110 -23.57 56.07 12.31
N ASP A 111 -22.55 55.56 12.98
CA ASP A 111 -22.10 56.20 14.21
C ASP A 111 -21.53 57.58 13.93
N GLN A 112 -20.70 57.69 12.89
CA GLN A 112 -20.11 58.98 12.54
C GLN A 112 -21.16 59.96 12.04
N ARG A 113 -22.23 59.46 11.42
CA ARG A 113 -23.28 60.34 10.92
C ARG A 113 -23.97 61.07 12.06
N MET A 114 -24.31 60.35 13.13
CA MET A 114 -24.93 60.98 14.27
C MET A 114 -23.92 61.52 15.27
N LYS A 115 -22.64 61.22 15.09
CA LYS A 115 -21.60 61.95 15.81
C LYS A 115 -21.45 63.36 15.25
N THR A 116 -21.81 63.55 13.98
CA THR A 116 -21.86 64.89 13.40
C THR A 116 -23.15 65.61 13.75
N TRP A 117 -24.26 64.87 13.79
CA TRP A 117 -25.54 65.44 14.19
C TRP A 117 -25.47 65.99 15.61
N GLN A 118 -24.90 65.21 16.53
CA GLN A 118 -24.73 65.69 17.90
C GLN A 118 -23.79 66.88 17.95
N ARG A 119 -22.76 66.88 17.10
CA ARG A 119 -21.88 68.04 16.99
C ARG A 119 -22.66 69.28 16.57
N TRP A 120 -23.62 69.12 15.65
CA TRP A 120 -24.50 70.22 15.30
C TRP A 120 -25.32 70.66 16.51
N GLN A 121 -25.96 69.71 17.19
CA GLN A 121 -26.71 70.04 18.39
C GLN A 121 -25.82 70.57 19.50
N ASP A 122 -24.58 70.07 19.58
CA ASP A 122 -23.62 70.63 20.53
C ASP A 122 -23.29 72.08 20.18
N ALA A 123 -23.46 72.47 18.92
CA ALA A 123 -23.34 73.88 18.55
C ALA A 123 -24.60 74.65 18.90
N GLN A 124 -25.77 74.06 18.64
CA GLN A 124 -27.02 74.69 19.07
C GLN A 124 -27.16 74.73 20.58
N ALA A 125 -26.39 73.92 21.31
CA ALA A 125 -26.46 73.94 22.76
C ALA A 125 -25.81 75.20 23.32
N THR A 126 -24.68 75.61 22.75
CA THR A 126 -24.01 76.83 23.18
C THR A 126 -24.50 78.07 22.46
N LEU A 127 -25.25 77.91 21.37
CA LEU A 127 -25.80 79.07 20.67
C LEU A 127 -26.89 79.74 21.50
N GLN A 128 -27.77 78.95 22.10
CA GLN A 128 -28.81 79.50 22.97
C GLN A 128 -28.24 80.13 24.24
N LYS A 129 -26.97 79.89 24.55
CA LYS A 129 -26.34 80.53 25.69
C LYS A 129 -25.93 81.98 25.38
N LYS A 130 -25.31 82.18 24.21
CA LYS A 130 -24.84 83.52 23.85
C LYS A 130 -26.00 84.49 23.75
N ARG A 131 -27.15 84.04 23.21
CA ARG A 131 -28.33 84.88 23.21
C ARG A 131 -28.90 85.05 24.61
N GLU A 132 -28.79 84.02 25.45
CA GLU A 132 -29.24 84.13 26.83
C GLU A 132 -28.34 85.06 27.63
N ALA A 133 -27.02 84.93 27.48
CA ALA A 133 -26.11 85.84 28.14
C ALA A 133 -26.29 87.26 27.60
N GLU A 134 -26.56 87.38 26.30
CA GLU A 134 -26.82 88.69 25.72
C GLU A 134 -28.02 89.36 26.35
N ALA A 135 -29.05 88.56 26.70
CA ALA A 135 -30.25 89.13 27.29
C ALA A 135 -29.99 89.73 28.67
N ARG A 136 -28.95 89.27 29.35
CA ARG A 136 -28.62 89.81 30.67
C ARG A 136 -27.79 91.09 30.53
N LEU A 137 -26.78 91.06 29.67
CA LEU A 137 -25.95 92.25 29.45
C LEU A 137 -26.66 93.33 28.66
N LEU A 138 -27.87 93.05 28.16
CA LEU A 138 -28.68 94.05 27.49
C LEU A 138 -29.53 94.87 28.45
N TRP A 139 -29.85 94.34 29.64
CA TRP A 139 -30.74 95.04 30.58
C TRP A 139 -29.98 95.91 31.58
N ALA A 140 -29.14 95.32 32.42
CA ALA A 140 -28.36 96.08 33.39
C ALA A 140 -27.26 96.89 32.71
N ASN A 141 -26.77 97.88 33.44
CA ASN A 141 -26.05 99.01 32.85
C ASN A 141 -24.57 98.66 32.67
N LYS A 142 -24.20 98.22 31.46
CA LYS A 142 -22.80 98.12 31.06
C LYS A 142 -22.70 97.96 29.54
N PRO A 143 -21.91 98.82 28.87
CA PRO A 143 -21.77 98.74 27.42
C PRO A 143 -20.60 97.89 26.93
N ASP A 144 -19.75 97.41 27.84
CA ASP A 144 -18.60 96.61 27.42
C ASP A 144 -19.04 95.28 26.84
N LYS A 145 -19.79 94.49 27.61
CA LYS A 145 -20.22 93.16 27.16
C LYS A 145 -21.27 93.23 26.05
N LEU A 146 -21.76 94.42 25.72
CA LEU A 146 -22.66 94.54 24.58
C LEU A 146 -21.92 94.24 23.27
N GLN A 147 -20.72 94.78 23.11
CA GLN A 147 -19.89 94.55 21.93
C GLN A 147 -18.84 93.48 22.18
N GLN A 148 -19.23 92.40 22.87
CA GLN A 148 -18.31 91.29 23.12
C GLN A 148 -19.04 89.97 22.89
N ALA A 149 -20.10 89.72 23.67
CA ALA A 149 -20.86 88.49 23.49
C ALA A 149 -21.62 88.50 22.17
N LYS A 150 -21.99 89.69 21.68
CA LYS A 150 -22.70 89.77 20.41
C LYS A 150 -21.81 89.33 19.26
N ASP A 151 -20.53 89.70 19.28
CA ASP A 151 -19.58 89.20 18.28
C ASP A 151 -19.49 87.68 18.33
N GLU A 152 -19.62 87.08 19.51
CA GLU A 152 -19.66 85.63 19.62
C GLU A 152 -20.98 85.05 19.15
N ILE A 153 -22.06 85.83 19.16
CA ILE A 153 -23.36 85.33 18.71
C ILE A 153 -23.29 84.99 17.23
N LEU A 154 -22.88 85.96 16.40
CA LEU A 154 -22.76 85.72 14.97
C LEU A 154 -21.71 84.66 14.66
N GLU A 155 -20.74 84.46 15.54
CA GLU A 155 -19.74 83.40 15.34
C GLU A 155 -20.40 82.03 15.40
N TRP A 156 -21.00 81.70 16.55
CA TRP A 156 -21.64 80.41 16.69
C TRP A 156 -22.88 80.29 15.81
N GLU A 157 -23.51 81.42 15.49
CA GLU A 157 -24.65 81.39 14.56
C GLU A 157 -24.27 80.75 13.24
N SER A 158 -23.04 81.01 12.78
CA SER A 158 -22.51 80.33 11.61
C SER A 158 -21.93 78.96 11.95
N ARG A 159 -21.53 78.75 13.21
CA ARG A 159 -21.01 77.44 13.59
C ARG A 159 -22.11 76.39 13.62
N VAL A 160 -23.27 76.73 14.19
CA VAL A 160 -24.41 75.82 14.11
C VAL A 160 -24.84 75.66 12.67
N THR A 161 -24.62 76.67 11.83
CA THR A 161 -24.83 76.51 10.40
C THR A 161 -23.71 75.66 9.80
N GLN A 162 -22.49 75.81 10.30
CA GLN A 162 -21.36 75.04 9.80
C GLN A 162 -21.54 73.56 10.09
N TYR A 163 -21.77 73.22 11.36
CA TYR A 163 -21.97 71.81 11.72
C TYR A 163 -23.20 71.23 11.04
N GLU A 164 -24.21 72.06 10.78
CA GLU A 164 -25.40 71.58 10.10
C GLU A 164 -25.06 71.09 8.69
N ARG A 165 -24.34 71.92 7.93
CA ARG A 165 -23.90 71.50 6.60
C ARG A 165 -22.85 70.41 6.67
N ASP A 166 -22.11 70.30 7.78
CA ASP A 166 -21.27 69.14 8.00
C ASP A 166 -22.12 67.87 8.11
N PHE A 167 -23.19 67.94 8.90
CA PHE A 167 -24.06 66.78 9.09
C PHE A 167 -24.78 66.40 7.80
N GLU A 168 -25.08 67.39 6.95
CA GLU A 168 -25.78 67.08 5.70
C GLU A 168 -24.92 66.25 4.77
N ARG A 169 -23.64 66.60 4.63
CA ARG A 169 -22.80 65.96 3.63
C ARG A 169 -22.37 64.56 4.07
N ILE A 170 -22.12 64.35 5.36
CA ILE A 170 -21.80 63.00 5.84
C ILE A 170 -23.00 62.09 5.64
N SER A 171 -24.21 62.61 5.83
CA SER A 171 -25.41 61.84 5.57
C SER A 171 -25.48 61.39 4.12
N THR A 172 -24.87 62.15 3.20
CA THR A 172 -24.90 61.81 1.79
C THR A 172 -23.81 60.84 1.39
N VAL A 173 -22.60 60.98 1.94
CA VAL A 173 -21.51 60.11 1.53
C VAL A 173 -21.75 58.68 1.96
N VAL A 174 -22.47 58.47 3.07
CA VAL A 174 -22.82 57.10 3.46
C VAL A 174 -23.91 56.53 2.57
N ARG A 175 -24.73 57.37 1.94
CA ARG A 175 -25.70 56.88 0.98
C ARG A 175 -25.00 56.39 -0.28
N LYS A 176 -24.04 57.17 -0.78
CA LYS A 176 -23.22 56.69 -1.89
C LYS A 176 -22.34 55.52 -1.48
N GLU A 177 -21.98 55.45 -0.20
CA GLU A 177 -21.16 54.34 0.27
C GLU A 177 -21.96 53.04 0.30
N VAL A 178 -23.24 53.12 0.66
CA VAL A 178 -24.07 51.92 0.72
C VAL A 178 -24.37 51.41 -0.68
N ILE A 179 -24.73 52.32 -1.59
CA ILE A 179 -25.02 51.92 -2.97
C ILE A 179 -23.78 51.35 -3.64
N ARG A 180 -22.60 51.82 -3.26
CA ARG A 180 -21.36 51.27 -3.81
C ARG A 180 -21.22 49.79 -3.51
N PHE A 181 -21.86 49.31 -2.44
CA PHE A 181 -21.81 47.89 -2.10
C PHE A 181 -22.81 47.09 -2.94
N GLU A 182 -24.06 47.55 -3.00
CA GLU A 182 -25.14 46.74 -3.56
C GLU A 182 -24.86 46.32 -5.01
N LYS A 183 -24.21 47.17 -5.80
CA LYS A 183 -23.85 46.76 -7.15
C LYS A 183 -22.64 45.83 -7.15
N GLU A 184 -21.64 46.12 -6.32
CA GLU A 184 -20.47 45.26 -6.21
C GLU A 184 -20.82 43.89 -5.62
N LYS A 185 -21.93 43.80 -4.89
CA LYS A 185 -22.37 42.51 -4.36
C LYS A 185 -23.00 41.65 -5.45
N SER A 186 -23.80 42.27 -6.32
CA SER A 186 -24.52 41.51 -7.34
C SER A 186 -23.55 40.88 -8.34
N LYS A 187 -22.62 41.67 -8.87
CA LYS A 187 -21.73 41.17 -9.91
C LYS A 187 -20.68 40.21 -9.38
N ASP A 188 -20.36 40.27 -8.08
CA ASP A 188 -19.28 39.47 -7.52
C ASP A 188 -19.75 38.20 -6.84
N PHE A 189 -20.91 38.24 -6.18
CA PHE A 189 -21.35 37.08 -5.40
C PHE A 189 -21.65 35.88 -6.31
N LYS A 190 -22.20 36.14 -7.50
CA LYS A 190 -22.38 35.05 -8.46
C LYS A 190 -21.05 34.38 -8.77
N ASN A 191 -20.00 35.16 -8.95
CA ASN A 191 -18.67 34.59 -9.17
C ASN A 191 -18.07 34.06 -7.87
N HIS A 192 -18.24 34.81 -6.77
CA HIS A 192 -17.64 34.40 -5.50
C HIS A 192 -18.23 33.09 -4.99
N VAL A 193 -19.49 32.82 -5.31
CA VAL A 193 -20.08 31.55 -4.92
C VAL A 193 -19.65 30.43 -5.87
N ILE A 194 -19.33 30.77 -7.13
CA ILE A 194 -18.79 29.78 -8.06
C ILE A 194 -17.33 29.49 -7.73
N LYS A 195 -16.58 30.52 -7.34
CA LYS A 195 -15.18 30.31 -6.97
C LYS A 195 -15.01 29.28 -5.87
N TYR A 196 -16.06 29.04 -5.09
CA TYR A 196 -15.99 28.06 -4.01
C TYR A 196 -16.45 26.67 -4.43
N LEU A 197 -17.31 26.58 -5.45
CA LEU A 197 -17.89 25.29 -5.80
C LEU A 197 -16.93 24.39 -6.57
N GLU A 198 -16.05 24.97 -7.39
CA GLU A 198 -15.12 24.14 -8.15
C GLU A 198 -14.17 23.37 -7.23
N THR A 199 -13.95 23.87 -6.02
CA THR A 199 -13.16 23.10 -5.05
C THR A 199 -13.88 21.82 -4.68
N LEU A 200 -15.19 21.89 -4.42
CA LEU A 200 -15.97 20.68 -4.20
C LEU A 200 -16.02 19.84 -5.45
N LEU A 201 -16.12 20.48 -6.62
CA LEU A 201 -16.10 19.76 -7.89
C LEU A 201 -14.77 19.02 -8.08
N TYR A 202 -13.66 19.74 -7.89
CA TYR A 202 -12.35 19.11 -8.03
C TYR A 202 -12.18 17.99 -7.02
N SER A 203 -12.73 18.16 -5.81
CA SER A 203 -12.67 17.09 -4.82
C SER A 203 -13.46 15.88 -5.27
N GLN A 204 -14.68 16.09 -5.77
CA GLN A 204 -15.51 14.98 -6.20
C GLN A 204 -14.92 14.27 -7.41
N GLN A 205 -14.47 15.03 -8.40
CA GLN A 205 -13.85 14.42 -9.58
C GLN A 205 -12.61 13.63 -9.18
N GLN A 206 -11.74 14.22 -8.34
CA GLN A 206 -10.57 13.50 -7.87
C GLN A 206 -10.96 12.35 -6.96
N LEU A 207 -12.05 12.48 -6.21
CA LEU A 207 -12.55 11.36 -5.42
C LEU A 207 -12.96 10.21 -6.32
N ALA A 208 -13.80 10.49 -7.33
CA ALA A 208 -14.17 9.46 -8.30
C ALA A 208 -12.94 8.94 -9.02
N LYS A 209 -12.09 9.83 -9.53
CA LYS A 209 -10.89 9.42 -10.24
C LYS A 209 -9.94 8.60 -9.37
N TYR A 210 -10.21 8.51 -8.06
CA TYR A 210 -9.39 7.68 -7.17
C TYR A 210 -9.98 6.29 -6.99
N TRP A 211 -11.31 6.17 -6.90
CA TRP A 211 -11.94 4.88 -6.66
C TRP A 211 -11.95 4.02 -7.93
N GLU A 212 -12.16 4.62 -9.10
CA GLU A 212 -12.12 3.87 -10.34
C GLU A 212 -10.75 3.27 -10.61
N ALA A 213 -9.69 3.85 -10.04
CA ALA A 213 -8.35 3.27 -10.15
C ALA A 213 -8.13 2.14 -9.15
N PHE A 214 -8.95 2.06 -8.11
CA PHE A 214 -8.83 0.98 -7.13
C PHE A 214 -9.59 -0.27 -7.55
N LEU A 215 -10.70 -0.11 -8.28
CA LEU A 215 -11.55 -1.24 -8.65
C LEU A 215 -10.80 -2.36 -9.36
N PRO A 216 -9.92 -2.10 -10.35
CA PRO A 216 -9.13 -3.20 -10.91
C PRO A 216 -8.21 -3.85 -9.89
N GLU A 217 -7.68 -3.08 -8.94
CA GLU A 217 -6.83 -3.65 -7.91
C GLU A 217 -7.57 -4.56 -6.94
N ALA A 218 -8.91 -4.55 -6.98
CA ALA A 218 -9.72 -5.50 -6.22
C ALA A 218 -10.12 -6.72 -7.03
N LYS A 219 -10.27 -6.58 -8.36
CA LYS A 219 -10.55 -7.73 -9.20
C LYS A 219 -9.32 -8.61 -9.36
N ALA A 220 -8.13 -8.03 -9.22
CA ALA A 220 -6.88 -8.78 -9.41
C ALA A 220 -6.66 -9.84 -8.36
N ILE A 221 -7.48 -9.90 -7.32
CA ILE A 221 -7.33 -10.91 -6.28
C ILE A 221 -7.79 -12.25 -6.82
N SER A 222 -6.86 -13.19 -6.95
CA SER A 222 -7.18 -14.52 -7.44
C SER A 222 -6.76 -15.59 -6.45
N ASP B 12 3.35 -31.48 13.57
CA ASP B 12 2.67 -30.55 12.67
C ASP B 12 2.62 -29.16 13.30
N ASP B 13 3.52 -28.29 12.87
CA ASP B 13 3.61 -26.93 13.39
C ASP B 13 2.63 -25.98 12.72
N PHE B 14 1.69 -26.50 11.93
CA PHE B 14 0.66 -25.67 11.33
C PHE B 14 -0.19 -25.00 12.40
N PHE B 15 -0.47 -25.71 13.49
CA PHE B 15 -1.38 -25.18 14.51
C PHE B 15 -0.73 -24.12 15.36
N GLU B 16 0.59 -24.20 15.57
CA GLU B 16 1.26 -23.21 16.42
C GLU B 16 1.46 -21.89 15.69
N GLN B 17 1.81 -21.94 14.40
CA GLN B 17 2.08 -20.71 13.67
C GLN B 17 0.79 -19.96 13.36
N GLU B 18 -0.29 -20.68 13.01
CA GLU B 18 -1.57 -20.02 12.77
C GLU B 18 -2.05 -19.34 14.04
N LYS B 19 -1.87 -19.99 15.20
CA LYS B 19 -2.18 -19.32 16.46
C LYS B 19 -1.31 -18.09 16.65
N ASN B 20 -0.02 -18.21 16.35
CA ASN B 20 0.88 -17.06 16.38
C ASN B 20 0.61 -16.08 15.25
N PHE B 21 -0.23 -16.45 14.29
CA PHE B 21 -0.76 -15.47 13.35
C PHE B 21 -2.11 -14.94 13.83
N LEU B 22 -2.87 -15.76 14.55
CA LEU B 22 -4.18 -15.34 15.06
C LEU B 22 -4.09 -14.27 16.12
N ILE B 23 -2.92 -14.07 16.73
CA ILE B 23 -2.80 -13.07 17.80
C ILE B 23 -2.51 -11.69 17.23
N ASN B 24 -1.74 -11.60 16.14
CA ASN B 24 -1.40 -10.29 15.59
C ASN B 24 -2.50 -9.77 14.66
N TYR B 25 -3.07 -10.66 13.83
CA TYR B 25 -4.13 -10.23 12.94
C TYR B 25 -5.37 -9.78 13.72
N TYR B 26 -5.62 -10.37 14.89
CA TYR B 26 -6.76 -9.93 15.69
C TYR B 26 -6.51 -8.56 16.30
N ASN B 27 -5.27 -8.27 16.66
CA ASN B 27 -4.96 -7.03 17.37
C ASN B 27 -4.96 -5.82 16.43
N ARG B 28 -4.50 -6.01 15.19
CA ARG B 28 -4.53 -4.91 14.23
C ARG B 28 -5.83 -4.83 13.46
N ILE B 29 -6.64 -5.89 13.46
CA ILE B 29 -8.01 -5.78 12.94
C ILE B 29 -8.87 -4.99 13.91
N LYS B 30 -8.71 -5.25 15.21
CA LYS B 30 -9.41 -4.45 16.22
C LYS B 30 -8.99 -2.99 16.14
N ASP B 31 -7.70 -2.75 15.88
CA ASP B 31 -7.23 -1.37 15.71
C ASP B 31 -7.87 -0.73 14.49
N SER B 32 -7.84 -1.43 13.35
CA SER B 32 -8.50 -0.92 12.15
C SER B 32 -10.01 -0.81 12.34
N CYS B 33 -10.59 -1.56 13.28
CA CYS B 33 -12.02 -1.47 13.52
C CYS B 33 -12.38 -0.20 14.28
N VAL B 34 -11.67 0.09 15.36
CA VAL B 34 -11.97 1.29 16.13
C VAL B 34 -11.61 2.54 15.34
N LYS B 35 -10.61 2.45 14.45
CA LYS B 35 -10.29 3.58 13.59
C LYS B 35 -11.30 3.73 12.46
N ALA B 36 -11.94 2.62 12.05
CA ALA B 36 -12.96 2.70 11.02
C ALA B 36 -14.21 3.39 11.54
N ASP B 37 -14.67 3.01 12.73
CA ASP B 37 -15.84 3.66 13.31
C ASP B 37 -15.57 5.13 13.57
N LYS B 38 -14.36 5.47 14.02
CA LYS B 38 -13.99 6.87 14.20
C LYS B 38 -14.09 7.62 12.88
N MET B 39 -13.65 7.01 11.79
CA MET B 39 -13.76 7.63 10.48
C MET B 39 -15.21 7.81 10.07
N THR B 40 -16.06 6.85 10.44
CA THR B 40 -17.49 6.97 10.14
C THR B 40 -18.21 7.86 11.16
N ARG B 41 -17.69 7.93 12.39
CA ARG B 41 -18.25 8.85 13.38
C ARG B 41 -17.92 10.29 13.00
N SER B 42 -16.65 10.56 12.68
CA SER B 42 -16.24 11.90 12.27
C SER B 42 -16.84 12.31 10.93
N HIS B 43 -17.44 11.37 10.20
CA HIS B 43 -18.06 11.66 8.92
C HIS B 43 -19.49 12.16 9.08
N LYS B 44 -20.30 11.46 9.89
CA LYS B 44 -21.67 11.91 10.14
C LYS B 44 -21.68 13.26 10.84
N ASN B 45 -20.63 13.59 11.58
CA ASN B 45 -20.50 14.91 12.18
C ASN B 45 -20.57 15.99 11.10
N VAL B 46 -19.74 15.86 10.07
CA VAL B 46 -19.79 16.79 8.93
C VAL B 46 -21.14 16.67 8.23
N ALA B 47 -21.66 15.44 8.10
CA ALA B 47 -22.97 15.25 7.48
C ALA B 47 -24.07 15.93 8.28
N ASP B 48 -23.93 15.96 9.61
CA ASP B 48 -24.91 16.67 10.43
C ASP B 48 -24.79 18.18 10.24
N ASP B 49 -23.58 18.67 9.94
CA ASP B 49 -23.39 20.11 9.77
C ASP B 49 -24.00 20.61 8.47
N TYR B 50 -24.13 19.75 7.46
CA TYR B 50 -24.72 20.17 6.19
C TYR B 50 -26.19 20.53 6.36
N ILE B 51 -26.88 19.91 7.33
CA ILE B 51 -28.22 20.35 7.68
C ILE B 51 -28.19 21.43 8.76
N HIS B 52 -27.10 21.53 9.52
CA HIS B 52 -26.90 22.64 10.43
C HIS B 52 -26.42 23.90 9.72
N THR B 53 -26.04 23.80 8.44
CA THR B 53 -25.66 24.94 7.65
C THR B 53 -26.85 25.60 6.97
N ALA B 54 -27.68 24.79 6.30
CA ALA B 54 -28.86 25.32 5.63
C ALA B 54 -29.85 25.93 6.62
N ALA B 55 -29.83 25.49 7.88
CA ALA B 55 -30.70 26.10 8.89
C ALA B 55 -30.33 27.56 9.10
N CYS B 56 -29.04 27.86 9.17
CA CYS B 56 -28.58 29.24 9.24
C CYS B 56 -28.51 29.90 7.86
N LEU B 57 -28.43 29.11 6.79
CA LEU B 57 -28.36 29.66 5.45
C LEU B 57 -29.73 30.11 4.96
N HIS B 58 -30.78 29.34 5.27
CA HIS B 58 -32.13 29.77 4.92
C HIS B 58 -32.50 31.05 5.65
N SER B 59 -32.06 31.19 6.90
CA SER B 59 -32.34 32.39 7.69
C SER B 59 -31.58 33.61 7.19
N LEU B 60 -30.71 33.45 6.18
CA LEU B 60 -30.04 34.61 5.62
C LEU B 60 -30.90 35.31 4.57
N ALA B 61 -31.54 34.54 3.69
CA ALA B 61 -32.47 35.10 2.71
C ALA B 61 -33.77 35.58 3.33
N LEU B 62 -33.92 35.48 4.65
CA LEU B 62 -35.11 35.99 5.32
C LEU B 62 -35.25 37.50 5.13
N GLU B 63 -34.12 38.23 5.09
CA GLU B 63 -34.10 39.67 4.81
C GLU B 63 -32.94 39.90 3.84
N GLU B 64 -33.21 39.68 2.55
CA GLU B 64 -32.19 39.81 1.51
C GLU B 64 -32.85 40.35 0.26
N PRO B 65 -32.09 41.00 -0.64
CA PRO B 65 -32.66 41.50 -1.90
C PRO B 65 -33.38 40.44 -2.71
N THR B 66 -34.27 40.88 -3.60
CA THR B 66 -35.14 39.96 -4.33
C THR B 66 -34.35 39.11 -5.32
N VAL B 67 -33.48 39.75 -6.11
CA VAL B 67 -32.73 39.00 -7.12
C VAL B 67 -31.69 38.11 -6.46
N ILE B 68 -31.15 38.51 -5.30
CA ILE B 68 -30.14 37.70 -4.64
C ILE B 68 -30.77 36.54 -3.87
N LYS B 69 -32.03 36.71 -3.44
CA LYS B 69 -32.72 35.64 -2.73
C LYS B 69 -32.77 34.36 -3.55
N LYS B 70 -33.11 34.46 -4.83
CA LYS B 70 -33.14 33.28 -5.68
C LYS B 70 -31.75 32.74 -5.95
N TYR B 71 -30.77 33.64 -6.11
CA TYR B 71 -29.40 33.21 -6.34
C TYR B 71 -28.86 32.36 -5.21
N LEU B 72 -29.39 32.53 -4.00
CA LEU B 72 -28.90 31.86 -2.81
C LEU B 72 -29.68 30.60 -2.47
N LEU B 73 -31.01 30.67 -2.50
CA LEU B 73 -31.83 29.55 -2.04
C LEU B 73 -31.67 28.31 -2.89
N LYS B 74 -31.27 28.45 -4.16
CA LYS B 74 -31.06 27.27 -4.99
C LYS B 74 -29.96 26.38 -4.43
N VAL B 75 -28.95 26.98 -3.78
CA VAL B 75 -27.91 26.18 -3.13
C VAL B 75 -28.36 25.71 -1.74
N ALA B 76 -29.37 26.35 -1.16
CA ALA B 76 -29.91 25.86 0.10
C ALA B 76 -30.57 24.51 -0.08
N GLU B 77 -31.28 24.31 -1.19
CA GLU B 77 -31.83 23.00 -1.50
C GLU B 77 -30.71 22.00 -1.79
N LEU B 78 -29.62 22.47 -2.41
CA LEU B 78 -28.50 21.59 -2.73
C LEU B 78 -27.92 20.97 -1.46
N PHE B 79 -27.70 21.79 -0.43
CA PHE B 79 -27.12 21.29 0.81
C PHE B 79 -28.02 20.27 1.49
N GLU B 80 -29.35 20.42 1.36
CA GLU B 80 -30.25 19.42 1.90
C GLU B 80 -30.05 18.07 1.21
N LYS B 81 -29.83 18.08 -0.10
CA LYS B 81 -29.56 16.84 -0.81
C LYS B 81 -28.19 16.27 -0.42
N LEU B 82 -27.19 17.14 -0.26
CA LEU B 82 -25.86 16.67 0.11
C LEU B 82 -25.80 16.14 1.54
N ARG B 83 -26.74 16.54 2.39
CA ARG B 83 -26.80 15.96 3.73
C ARG B 83 -27.21 14.49 3.68
N LYS B 84 -28.03 14.11 2.71
CA LYS B 84 -28.46 12.73 2.60
C LYS B 84 -27.37 11.85 1.97
N VAL B 85 -26.73 12.35 0.91
CA VAL B 85 -25.69 11.57 0.24
C VAL B 85 -24.55 11.28 1.19
N GLU B 86 -24.12 12.30 1.96
CA GLU B 86 -23.09 12.07 2.96
C GLU B 86 -23.58 11.16 4.08
N GLY B 87 -24.89 11.09 4.31
CA GLY B 87 -25.43 10.10 5.22
C GLY B 87 -25.41 8.70 4.67
N ARG B 88 -25.33 8.56 3.34
CA ARG B 88 -25.23 7.22 2.74
C ARG B 88 -23.84 6.63 2.98
N VAL B 89 -22.79 7.39 2.72
CA VAL B 89 -21.43 6.86 2.80
C VAL B 89 -21.04 6.59 4.25
N SER B 90 -21.42 7.48 5.18
CA SER B 90 -21.12 7.26 6.58
C SER B 90 -21.77 5.98 7.09
N SER B 91 -22.96 5.66 6.58
CA SER B 91 -23.65 4.43 7.01
C SER B 91 -23.16 3.22 6.23
N ASP B 92 -22.90 3.38 4.93
CA ASP B 92 -22.45 2.25 4.12
C ASP B 92 -21.08 1.75 4.55
N GLU B 93 -20.20 2.66 4.99
CA GLU B 93 -18.87 2.25 5.43
C GLU B 93 -18.94 1.46 6.74
N ASP B 94 -19.95 1.71 7.57
CA ASP B 94 -20.11 0.92 8.79
C ASP B 94 -20.70 -0.46 8.50
N LEU B 95 -21.27 -0.66 7.32
CA LEU B 95 -21.78 -1.97 6.93
C LEU B 95 -20.74 -2.82 6.22
N LYS B 96 -19.74 -2.20 5.61
CA LYS B 96 -18.74 -2.91 4.80
C LYS B 96 -17.35 -2.92 5.42
N LEU B 97 -17.01 -1.94 6.24
CA LEU B 97 -15.70 -1.92 6.89
C LEU B 97 -15.81 -2.42 8.32
N THR B 98 -16.40 -1.59 9.19
CA THR B 98 -16.45 -1.91 10.61
C THR B 98 -17.16 -3.23 10.85
N GLU B 99 -18.32 -3.44 10.21
CA GLU B 99 -19.06 -4.66 10.41
C GLU B 99 -18.28 -5.87 9.92
N LEU B 100 -17.69 -5.77 8.72
CA LEU B 100 -16.80 -6.83 8.27
C LEU B 100 -15.61 -6.98 9.20
N LEU B 101 -15.09 -5.86 9.70
CA LEU B 101 -14.03 -5.93 10.69
C LEU B 101 -14.56 -6.44 12.02
N ARG B 102 -15.79 -6.06 12.39
CA ARG B 102 -16.39 -6.54 13.63
C ARG B 102 -16.73 -8.02 13.55
N TYR B 103 -17.08 -8.52 12.35
CA TYR B 103 -17.44 -9.92 12.22
C TYR B 103 -16.25 -10.84 12.51
N TYR B 104 -15.08 -10.47 12.02
CA TYR B 104 -13.88 -11.28 12.21
C TYR B 104 -13.18 -10.99 13.52
N MET B 105 -13.74 -10.12 14.37
CA MET B 105 -13.31 -10.05 15.75
C MET B 105 -13.97 -11.14 16.58
N LEU B 106 -15.22 -11.48 16.27
CA LEU B 106 -15.96 -12.48 17.03
C LEU B 106 -15.70 -13.89 16.54
N ASN B 107 -15.48 -14.08 15.23
CA ASN B 107 -15.20 -15.40 14.70
C ASN B 107 -13.76 -15.81 14.95
N ILE B 108 -12.83 -14.86 14.89
CA ILE B 108 -11.46 -15.15 15.35
C ILE B 108 -11.48 -15.46 16.84
N GLU B 109 -12.31 -14.73 17.60
CA GLU B 109 -12.51 -15.08 19.00
C GLU B 109 -13.06 -16.49 19.15
N ALA B 110 -13.87 -16.94 18.19
CA ALA B 110 -14.33 -18.32 18.18
C ALA B 110 -13.29 -19.25 17.56
N ALA B 111 -12.55 -18.77 16.55
CA ALA B 111 -11.50 -19.59 15.96
C ALA B 111 -10.37 -19.82 16.96
N LYS B 112 -10.03 -18.81 17.77
CA LYS B 112 -9.04 -19.01 18.82
C LYS B 112 -9.54 -19.98 19.88
N ASP B 113 -10.86 -20.03 20.10
CA ASP B 113 -11.43 -21.01 21.02
C ASP B 113 -11.36 -22.43 20.48
N LEU B 114 -11.13 -22.59 19.18
CA LEU B 114 -11.07 -23.93 18.59
C LEU B 114 -9.74 -24.62 18.89
N LEU B 115 -8.65 -23.85 19.00
CA LEU B 115 -7.35 -24.47 19.30
C LEU B 115 -7.29 -24.93 20.76
N TYR B 116 -7.88 -24.15 21.67
CA TYR B 116 -7.86 -24.52 23.08
C TYR B 116 -8.43 -25.92 23.30
N ARG B 117 -9.53 -26.25 22.60
CA ARG B 117 -10.10 -27.58 22.72
C ARG B 117 -9.19 -28.63 22.10
N ARG B 118 -8.41 -28.26 21.08
CA ARG B 118 -7.45 -29.19 20.51
C ARG B 118 -6.35 -29.52 21.51
N THR B 119 -5.87 -28.52 22.25
CA THR B 119 -4.95 -28.79 23.35
C THR B 119 -5.63 -29.63 24.43
N LYS B 120 -6.89 -29.32 24.74
CA LYS B 120 -7.65 -30.12 25.69
C LYS B 120 -7.77 -31.57 25.24
N ALA B 121 -7.62 -31.84 23.94
CA ALA B 121 -7.46 -33.19 23.46
C ALA B 121 -6.00 -33.58 23.29
N LEU B 122 -5.07 -32.61 23.29
CA LEU B 122 -3.65 -32.89 23.16
C LEU B 122 -3.00 -33.22 24.49
N ILE B 123 -3.35 -32.49 25.56
CA ILE B 123 -2.87 -32.89 26.87
C ILE B 123 -3.56 -34.16 27.32
N ASP B 124 -4.80 -34.38 26.87
CA ASP B 124 -5.42 -35.69 27.06
C ASP B 124 -4.70 -36.75 26.24
N TYR B 125 -4.13 -36.37 25.11
CA TYR B 125 -3.27 -37.28 24.36
C TYR B 125 -1.98 -37.56 25.13
N GLU B 126 -1.40 -36.54 25.75
CA GLU B 126 -0.19 -36.72 26.54
C GLU B 126 -0.48 -37.37 27.89
N ASN B 127 -1.64 -37.09 28.48
CA ASN B 127 -2.00 -37.71 29.76
C ASN B 127 -2.25 -39.19 29.59
N SER B 128 -2.93 -39.59 28.52
CA SER B 128 -3.24 -41.00 28.30
C SER B 128 -2.10 -41.76 27.64
N ASN B 129 -1.13 -41.07 27.06
CA ASN B 129 0.00 -41.76 26.45
C ASN B 129 0.99 -42.26 27.49
N LYS B 130 1.09 -41.58 28.63
CA LYS B 130 1.99 -42.01 29.70
C LYS B 130 1.32 -43.06 30.57
N ALA B 131 0.71 -44.07 29.94
CA ALA B 131 0.02 -45.13 30.66
C ALA B 131 -0.03 -46.40 29.81
N GLN B 149 -4.91 -44.25 26.53
CA GLN B 149 -6.21 -44.72 26.07
C GLN B 149 -6.54 -44.13 24.70
N GLN B 150 -7.33 -44.88 23.92
CA GLN B 150 -7.60 -44.50 22.53
C GLN B 150 -8.77 -43.54 22.38
N GLU B 151 -9.62 -43.40 23.41
CA GLU B 151 -10.66 -42.38 23.35
C GLU B 151 -10.07 -40.98 23.48
N CYS B 152 -8.94 -40.86 24.18
CA CYS B 152 -8.15 -39.64 24.14
C CYS B 152 -7.30 -39.54 22.87
N CYS B 153 -7.34 -40.56 22.03
CA CYS B 153 -6.68 -40.57 20.73
C CYS B 153 -7.67 -40.43 19.58
N GLN B 154 -8.78 -41.19 19.60
CA GLN B 154 -9.79 -41.08 18.56
C GLN B 154 -10.46 -39.72 18.57
N LYS B 155 -10.60 -39.10 19.75
CA LYS B 155 -11.17 -37.76 19.81
C LYS B 155 -10.19 -36.72 19.31
N PHE B 156 -8.91 -36.84 19.71
CA PHE B 156 -7.90 -35.89 19.22
C PHE B 156 -7.69 -36.05 17.73
N GLU B 157 -7.51 -37.29 17.25
CA GLU B 157 -7.35 -37.51 15.82
C GLU B 157 -8.58 -37.06 15.03
N GLN B 158 -9.74 -36.99 15.68
CA GLN B 158 -10.90 -36.35 15.06
C GLN B 158 -10.82 -34.84 15.21
N LEU B 159 -10.40 -34.36 16.39
CA LEU B 159 -10.27 -32.93 16.60
C LEU B 159 -9.12 -32.35 15.79
N SER B 160 -8.05 -33.12 15.59
CA SER B 160 -6.97 -32.70 14.70
C SER B 160 -7.37 -32.76 13.23
N GLU B 161 -8.61 -33.12 12.93
CA GLU B 161 -9.12 -33.15 11.57
C GLU B 161 -10.36 -32.29 11.41
N SER B 162 -11.30 -32.36 12.36
CA SER B 162 -12.49 -31.52 12.30
C SER B 162 -12.13 -30.05 12.43
N ALA B 163 -11.33 -29.70 13.44
CA ALA B 163 -10.88 -28.33 13.58
C ALA B 163 -9.88 -27.94 12.50
N LYS B 164 -9.12 -28.91 11.99
CA LYS B 164 -8.19 -28.64 10.89
C LYS B 164 -8.92 -28.20 9.64
N GLU B 165 -10.16 -28.67 9.45
CA GLU B 165 -10.95 -28.30 8.29
C GLU B 165 -11.81 -27.07 8.53
N GLU B 166 -12.37 -26.93 9.75
CA GLU B 166 -13.15 -25.74 10.07
C GLU B 166 -12.29 -24.48 10.13
N LEU B 167 -10.97 -24.63 10.29
CA LEU B 167 -10.07 -23.48 10.32
C LEU B 167 -9.64 -23.05 8.93
N ILE B 168 -9.29 -24.00 8.06
CA ILE B 168 -8.92 -23.66 6.69
C ILE B 168 -10.15 -23.15 5.93
N ASN B 169 -11.32 -23.72 6.22
CA ASN B 169 -12.55 -23.20 5.62
C ASN B 169 -12.83 -21.77 6.08
N PHE B 170 -12.39 -21.41 7.28
CA PHE B 170 -12.54 -20.04 7.75
C PHE B 170 -11.65 -19.07 6.99
N LYS B 171 -10.56 -19.54 6.39
CA LYS B 171 -9.70 -18.68 5.59
C LYS B 171 -10.36 -18.33 4.26
N ARG B 172 -10.71 -19.35 3.48
CA ARG B 172 -11.28 -19.12 2.16
C ARG B 172 -12.56 -18.30 2.25
N LYS B 173 -13.34 -18.52 3.31
CA LYS B 173 -14.54 -17.70 3.52
C LYS B 173 -14.19 -16.28 3.96
N ARG B 174 -13.01 -16.08 4.54
CA ARG B 174 -12.61 -14.74 4.94
C ARG B 174 -11.97 -13.99 3.77
N VAL B 175 -11.13 -14.67 2.99
CA VAL B 175 -10.49 -14.03 1.85
C VAL B 175 -11.53 -13.65 0.80
N ALA B 176 -12.51 -14.52 0.58
CA ALA B 176 -13.58 -14.19 -0.36
C ALA B 176 -14.42 -13.02 0.15
N ALA B 177 -14.75 -13.03 1.44
CA ALA B 177 -15.54 -11.93 2.00
C ALA B 177 -14.76 -10.63 1.99
N PHE B 178 -13.44 -10.69 2.22
CA PHE B 178 -12.62 -9.49 2.11
C PHE B 178 -12.59 -8.98 0.68
N ARG B 179 -12.57 -9.88 -0.31
CA ARG B 179 -12.59 -9.45 -1.70
C ARG B 179 -13.95 -8.93 -2.10
N LYS B 180 -15.03 -9.48 -1.52
CA LYS B 180 -16.37 -9.06 -1.90
C LYS B 180 -16.72 -7.71 -1.28
N ASN B 181 -16.42 -7.54 0.01
CA ASN B 181 -16.75 -6.28 0.69
C ASN B 181 -16.00 -5.11 0.09
N LEU B 182 -14.77 -5.34 -0.40
CA LEU B 182 -14.03 -4.28 -1.07
C LEU B 182 -14.59 -3.97 -2.45
N ILE B 183 -15.34 -4.90 -3.04
CA ILE B 183 -15.87 -4.69 -4.38
C ILE B 183 -17.16 -3.88 -4.33
N GLU B 184 -18.06 -4.23 -3.41
CA GLU B 184 -19.37 -3.59 -3.36
C GLU B 184 -19.26 -2.09 -3.11
N MET B 185 -18.26 -1.66 -2.35
CA MET B 185 -18.13 -0.26 -2.00
C MET B 185 -17.47 0.54 -3.11
N SER B 186 -16.48 -0.04 -3.80
CA SER B 186 -15.83 0.67 -4.89
C SER B 186 -16.81 1.02 -6.00
N GLU B 187 -17.78 0.13 -6.25
CA GLU B 187 -18.86 0.45 -7.17
C GLU B 187 -19.84 1.45 -6.56
N LEU B 188 -19.92 1.52 -5.23
CA LEU B 188 -20.81 2.48 -4.58
C LEU B 188 -20.19 3.86 -4.54
N GLU B 189 -18.92 3.96 -4.16
CA GLU B 189 -18.24 5.24 -4.15
C GLU B 189 -18.17 5.86 -5.54
N ILE B 190 -18.12 5.02 -6.57
CA ILE B 190 -18.16 5.52 -7.94
C ILE B 190 -19.50 6.20 -8.20
N LYS B 191 -20.60 5.56 -7.84
CA LYS B 191 -21.91 6.16 -8.04
C LYS B 191 -22.09 7.40 -7.16
N HIS B 192 -21.65 7.32 -5.91
CA HIS B 192 -21.82 8.45 -4.99
C HIS B 192 -21.08 9.67 -5.49
N ALA B 193 -19.79 9.52 -5.83
CA ALA B 193 -19.01 10.65 -6.34
C ALA B 193 -19.56 11.14 -7.67
N ARG B 194 -19.88 10.22 -8.58
CA ARG B 194 -20.44 10.62 -9.87
C ARG B 194 -21.82 11.24 -9.71
N ASN B 195 -22.56 10.85 -8.68
CA ASN B 195 -23.83 11.52 -8.39
C ASN B 195 -23.59 12.98 -8.02
N ASN B 196 -22.80 13.21 -6.96
CA ASN B 196 -22.53 14.57 -6.50
C ASN B 196 -21.94 15.44 -7.61
N VAL B 197 -21.18 14.83 -8.53
CA VAL B 197 -20.71 15.57 -9.71
C VAL B 197 -21.91 15.99 -10.55
N SER B 198 -22.84 15.07 -10.79
CA SER B 198 -24.07 15.40 -11.50
C SER B 198 -25.01 16.26 -10.68
N LEU B 199 -24.68 16.53 -9.41
CA LEU B 199 -25.45 17.42 -8.55
C LEU B 199 -24.82 18.80 -8.42
N LEU B 200 -23.50 18.87 -8.29
CA LEU B 200 -22.84 20.18 -8.25
C LEU B 200 -22.80 20.82 -9.63
N GLN B 201 -22.53 20.02 -10.67
CA GLN B 201 -22.49 20.56 -12.03
C GLN B 201 -23.86 21.08 -12.46
N SER B 202 -24.94 20.52 -11.90
CA SER B 202 -26.27 21.06 -12.15
C SER B 202 -26.46 22.44 -11.54
N CYS B 203 -25.49 22.92 -10.77
CA CYS B 203 -25.56 24.21 -10.10
C CYS B 203 -24.46 25.19 -10.50
N ILE B 204 -23.25 24.69 -10.81
CA ILE B 204 -22.16 25.57 -11.23
C ILE B 204 -22.50 26.21 -12.57
N ASP B 205 -22.75 25.38 -13.59
CA ASP B 205 -23.06 25.89 -14.92
C ASP B 205 -24.42 26.56 -14.98
N LEU B 206 -25.28 26.30 -13.99
CA LEU B 206 -26.51 27.09 -13.86
C LEU B 206 -26.20 28.53 -13.50
N PHE B 207 -25.07 28.77 -12.84
CA PHE B 207 -24.66 30.12 -12.48
C PHE B 207 -23.71 30.74 -13.49
N LYS B 208 -22.92 29.91 -14.19
CA LYS B 208 -22.05 30.44 -15.24
C LYS B 208 -22.86 31.13 -16.33
N ASN B 209 -24.04 30.61 -16.62
CA ASN B 209 -24.99 31.22 -17.56
C ASN B 209 -26.33 31.31 -16.82
N ASN B 210 -26.49 32.38 -16.05
CA ASN B 210 -27.69 32.59 -15.25
C ASN B 210 -28.92 32.72 -16.13
N ILE C 7 14.35 -63.59 -5.10
CA ILE C 7 13.56 -62.44 -5.49
C ILE C 7 14.09 -61.17 -4.83
N TRP C 8 15.10 -61.34 -3.97
CA TRP C 8 15.71 -60.21 -3.30
C TRP C 8 16.35 -59.24 -4.28
N PHE C 9 16.85 -59.75 -5.42
CA PHE C 9 17.59 -58.93 -6.35
C PHE C 9 16.67 -58.17 -7.30
N GLU C 10 15.71 -58.88 -7.91
CA GLU C 10 14.90 -58.26 -8.96
C GLU C 10 13.96 -57.20 -8.40
N GLU C 11 13.46 -57.37 -7.17
CA GLU C 11 12.55 -56.38 -6.63
C GLU C 11 13.27 -55.12 -6.15
N LYS C 12 14.51 -55.25 -5.70
CA LYS C 12 15.29 -54.08 -5.30
C LYS C 12 15.94 -53.38 -6.49
N LEU C 13 15.98 -54.03 -7.65
CA LEU C 13 16.44 -53.34 -8.86
C LEU C 13 15.46 -52.24 -9.26
N GLN C 14 14.16 -52.49 -9.12
CA GLN C 14 13.17 -51.49 -9.49
C GLN C 14 13.22 -50.29 -8.55
N GLU C 15 13.46 -50.53 -7.26
CA GLU C 15 13.59 -49.42 -6.32
C GLU C 15 14.76 -48.52 -6.67
N VAL C 16 15.84 -49.09 -7.21
CA VAL C 16 16.91 -48.26 -7.76
C VAL C 16 16.43 -47.55 -9.02
N GLU C 17 15.73 -48.28 -9.90
CA GLU C 17 15.21 -47.67 -11.12
C GLU C 17 14.09 -46.67 -10.81
N CYS C 18 13.37 -46.86 -9.71
CA CYS C 18 12.38 -45.89 -9.29
C CYS C 18 13.00 -44.70 -8.57
N GLU C 19 14.19 -44.88 -7.99
CA GLU C 19 14.87 -43.77 -7.33
C GLU C 19 15.53 -42.85 -8.35
N GLU C 20 16.22 -43.42 -9.34
CA GLU C 20 16.89 -42.60 -10.35
C GLU C 20 15.88 -41.84 -11.21
N GLN C 21 14.78 -42.49 -11.59
CA GLN C 21 13.77 -41.82 -12.41
C GLN C 21 13.17 -40.63 -11.68
N ARG C 22 13.20 -40.64 -10.34
CA ARG C 22 12.73 -39.51 -9.56
C ARG C 22 13.86 -38.64 -9.05
N LEU C 23 15.08 -39.17 -8.98
CA LEU C 23 16.22 -38.33 -8.64
C LEU C 23 16.61 -37.42 -9.79
N ARG C 24 16.47 -37.89 -11.03
CA ARG C 24 16.65 -37.01 -12.17
C ARG C 24 15.50 -36.00 -12.29
N LYS C 25 14.29 -36.40 -11.90
CA LYS C 25 13.16 -35.49 -11.89
C LYS C 25 13.36 -34.36 -10.86
N LEU C 26 14.23 -34.56 -9.89
CA LEU C 26 14.58 -33.51 -8.93
C LEU C 26 15.78 -32.69 -9.43
N HIS C 27 16.83 -33.38 -9.88
CA HIS C 27 18.06 -32.70 -10.27
C HIS C 27 17.81 -31.64 -11.34
N ALA C 28 16.90 -31.93 -12.28
CA ALA C 28 16.58 -30.96 -13.33
C ALA C 28 15.97 -29.69 -12.76
N VAL C 29 15.22 -29.80 -11.66
CA VAL C 29 14.64 -28.62 -11.02
C VAL C 29 15.73 -27.73 -10.45
N VAL C 30 16.77 -28.33 -9.87
CA VAL C 30 17.87 -27.54 -9.31
C VAL C 30 18.75 -26.97 -10.42
N GLU C 31 18.96 -27.74 -11.49
CA GLU C 31 19.77 -27.24 -12.60
C GLU C 31 19.09 -26.10 -13.36
N THR C 32 17.81 -25.85 -13.11
CA THR C 32 17.13 -24.68 -13.65
C THR C 32 16.87 -23.62 -12.59
N LEU C 33 16.98 -23.95 -11.30
CA LEU C 33 16.87 -22.94 -10.26
C LEU C 33 17.99 -21.93 -10.36
N VAL C 34 19.23 -22.42 -10.52
CA VAL C 34 20.40 -21.55 -10.45
C VAL C 34 20.31 -20.45 -11.50
N ASN C 35 20.01 -20.81 -12.75
CA ASN C 35 19.88 -19.81 -13.80
C ASN C 35 18.80 -18.79 -13.46
N HIS C 36 17.72 -19.24 -12.80
CA HIS C 36 16.73 -18.30 -12.29
C HIS C 36 17.32 -17.40 -11.21
N ARG C 37 18.30 -17.90 -10.46
CA ARG C 37 18.97 -17.09 -9.46
C ARG C 37 20.10 -16.28 -10.06
N LYS C 38 20.87 -16.87 -10.99
CA LYS C 38 21.97 -16.14 -11.60
C LYS C 38 21.47 -14.96 -12.44
N GLU C 39 20.31 -15.13 -13.09
CA GLU C 39 19.75 -14.02 -13.85
C GLU C 39 19.04 -13.03 -12.94
N LEU C 40 18.39 -13.51 -11.89
CA LEU C 40 17.83 -12.60 -10.89
C LEU C 40 18.93 -11.79 -10.22
N ALA C 41 20.06 -12.43 -9.95
CA ALA C 41 21.24 -11.69 -9.49
C ALA C 41 21.68 -10.70 -10.56
N LEU C 42 21.62 -11.09 -11.83
CA LEU C 42 21.99 -10.18 -12.91
C LEU C 42 20.97 -9.05 -13.03
N ASN C 43 19.68 -9.39 -13.06
CA ASN C 43 18.66 -8.36 -13.11
C ASN C 43 18.74 -7.42 -11.91
N THR C 44 19.11 -7.95 -10.74
CA THR C 44 19.33 -7.08 -9.59
C THR C 44 20.61 -6.27 -9.76
N ALA C 45 21.69 -6.91 -10.26
CA ALA C 45 22.88 -6.15 -10.60
C ALA C 45 22.58 -5.12 -11.69
N GLN C 46 21.78 -5.52 -12.68
CA GLN C 46 21.28 -4.58 -13.67
C GLN C 46 20.38 -3.52 -13.05
N PHE C 47 19.89 -3.75 -11.83
CA PHE C 47 19.01 -2.83 -11.15
C PHE C 47 19.75 -1.84 -10.26
N ALA C 48 20.85 -2.26 -9.65
CA ALA C 48 21.63 -1.34 -8.83
C ALA C 48 22.20 -0.20 -9.67
N LYS C 49 22.72 -0.52 -10.85
CA LYS C 49 23.19 0.52 -11.76
C LYS C 49 22.05 1.41 -12.23
N SER C 50 20.81 0.92 -12.19
CA SER C 50 19.68 1.74 -12.58
C SER C 50 19.47 2.89 -11.60
N LEU C 51 19.66 2.64 -10.31
CA LEU C 51 19.45 3.67 -9.30
C LEU C 51 20.60 4.67 -9.27
N ALA C 52 21.81 4.24 -9.57
CA ALA C 52 22.96 5.14 -9.55
C ALA C 52 22.77 6.29 -10.52
N MET C 53 22.39 5.99 -11.76
CA MET C 53 22.11 7.03 -12.73
C MET C 53 20.81 7.76 -12.46
N LEU C 54 20.05 7.34 -11.45
CA LEU C 54 18.82 8.03 -11.06
C LEU C 54 19.07 9.08 -9.99
N GLY C 55 19.79 8.70 -8.92
CA GLY C 55 20.18 9.69 -7.93
C GLY C 55 21.11 10.74 -8.48
N SER C 56 21.86 10.41 -9.53
CA SER C 56 22.69 11.41 -10.19
C SER C 56 21.84 12.40 -10.98
N SER C 57 20.80 11.91 -11.65
CA SER C 57 19.83 12.79 -12.29
C SER C 57 18.91 13.47 -11.27
N GLU C 58 19.03 13.11 -10.00
CA GLU C 58 18.18 13.70 -8.97
C GLU C 58 18.63 15.11 -8.65
N ASP C 59 17.70 16.06 -8.74
CA ASP C 59 18.00 17.43 -8.33
C ASP C 59 18.05 17.54 -6.81
N ASN C 60 17.15 16.85 -6.11
CA ASN C 60 17.14 16.87 -4.66
C ASN C 60 18.39 16.19 -4.11
N THR C 61 19.10 16.89 -3.21
CA THR C 61 20.35 16.35 -2.69
C THR C 61 20.10 15.23 -1.68
N ALA C 62 19.20 15.48 -0.72
CA ALA C 62 18.98 14.50 0.34
C ALA C 62 18.49 13.16 -0.19
N LEU C 63 17.77 13.17 -1.31
CA LEU C 63 17.31 11.92 -1.90
C LEU C 63 18.47 11.11 -2.45
N SER C 64 19.32 11.74 -3.26
CA SER C 64 20.47 11.05 -3.82
C SER C 64 21.39 10.50 -2.73
N ARG C 65 21.47 11.19 -1.59
CA ARG C 65 22.23 10.68 -0.46
C ARG C 65 21.70 9.31 -0.02
N ALA C 66 20.38 9.13 -0.08
CA ALA C 66 19.78 7.84 0.24
C ALA C 66 19.65 6.95 -0.98
N LEU C 67 19.43 7.54 -2.16
CA LEU C 67 19.30 6.74 -3.38
C LEU C 67 20.58 5.97 -3.66
N SER C 68 21.72 6.68 -3.69
CA SER C 68 22.99 6.02 -3.88
C SER C 68 23.26 5.01 -2.77
N GLN C 69 22.84 5.34 -1.55
CA GLN C 69 22.99 4.39 -0.44
C GLN C 69 22.18 3.13 -0.67
N LEU C 70 20.97 3.27 -1.20
CA LEU C 70 20.16 2.10 -1.52
C LEU C 70 20.80 1.27 -2.63
N ALA C 71 21.33 1.94 -3.66
CA ALA C 71 22.06 1.22 -4.69
C ALA C 71 23.26 0.50 -4.12
N GLU C 72 24.02 1.18 -3.25
CA GLU C 72 25.11 0.52 -2.54
C GLU C 72 24.61 -0.70 -1.79
N VAL C 73 23.45 -0.59 -1.15
CA VAL C 73 22.85 -1.73 -0.47
C VAL C 73 22.48 -2.81 -1.48
N GLU C 74 22.01 -2.40 -2.67
CA GLU C 74 21.48 -3.37 -3.62
C GLU C 74 22.57 -4.23 -4.24
N GLU C 75 23.74 -3.65 -4.50
CA GLU C 75 24.86 -4.49 -4.94
C GLU C 75 25.19 -5.54 -3.90
N LYS C 76 25.15 -5.17 -2.62
CA LYS C 76 25.35 -6.14 -1.55
C LYS C 76 24.26 -7.21 -1.55
N ILE C 77 23.11 -6.94 -2.18
CA ILE C 77 22.08 -7.97 -2.30
C ILE C 77 22.39 -8.91 -3.45
N GLU C 78 22.77 -8.36 -4.60
CA GLU C 78 23.09 -9.22 -5.75
C GLU C 78 24.36 -10.03 -5.50
N GLN C 79 25.29 -9.50 -4.71
CA GLN C 79 26.44 -10.31 -4.31
C GLN C 79 26.05 -11.37 -3.29
N LEU C 80 24.95 -11.16 -2.56
CA LEU C 80 24.37 -12.21 -1.73
C LEU C 80 23.62 -13.25 -2.56
N HIS C 81 23.16 -12.88 -3.75
CA HIS C 81 22.46 -13.82 -4.62
C HIS C 81 23.44 -14.75 -5.33
N GLN C 82 24.54 -14.20 -5.85
CA GLN C 82 25.51 -15.02 -6.56
C GLN C 82 26.20 -16.00 -5.62
N GLU C 83 26.45 -15.59 -4.38
CA GLU C 83 27.00 -16.52 -3.40
C GLU C 83 26.04 -17.66 -3.14
N GLN C 84 24.74 -17.38 -3.16
CA GLN C 84 23.75 -18.43 -2.88
C GLN C 84 23.49 -19.29 -4.11
N ALA C 85 23.53 -18.69 -5.30
CA ALA C 85 23.35 -19.49 -6.51
C ALA C 85 24.52 -20.44 -6.72
N ASN C 86 25.73 -20.05 -6.32
CA ASN C 86 26.87 -20.96 -6.40
C ASN C 86 26.80 -22.02 -5.31
N ASN C 87 26.43 -21.63 -4.09
CA ASN C 87 26.25 -22.61 -3.03
C ASN C 87 25.08 -23.54 -3.32
N ASP C 88 24.10 -23.07 -4.11
CA ASP C 88 23.02 -23.94 -4.54
C ASP C 88 23.53 -25.02 -5.49
N PHE C 89 24.31 -24.62 -6.49
CA PHE C 89 24.76 -25.56 -7.50
C PHE C 89 25.76 -26.56 -6.93
N PHE C 90 26.62 -26.11 -6.02
CA PHE C 90 27.72 -26.94 -5.56
C PHE C 90 27.37 -27.80 -4.35
N LEU C 91 26.51 -27.31 -3.46
CA LEU C 91 26.17 -28.08 -2.27
C LEU C 91 24.92 -28.93 -2.48
N LEU C 92 23.85 -28.34 -2.99
CA LEU C 92 22.61 -29.09 -3.19
C LEU C 92 22.61 -29.83 -4.52
N ALA C 93 22.90 -29.12 -5.62
CA ALA C 93 22.79 -29.74 -6.94
C ALA C 93 23.86 -30.80 -7.15
N GLU C 94 25.09 -30.53 -6.72
CA GLU C 94 26.18 -31.47 -6.99
C GLU C 94 26.18 -32.66 -6.03
N LEU C 95 25.63 -32.50 -4.82
CA LEU C 95 25.46 -33.66 -3.94
C LEU C 95 24.43 -34.63 -4.49
N LEU C 96 23.53 -34.16 -5.35
CA LEU C 96 22.51 -35.05 -5.91
C LEU C 96 23.02 -35.76 -7.16
N SER C 97 23.79 -35.07 -8.00
CA SER C 97 24.40 -35.72 -9.15
C SER C 97 25.42 -36.76 -8.73
N ASP C 98 26.12 -36.53 -7.60
CA ASP C 98 27.05 -37.52 -7.09
C ASP C 98 26.32 -38.79 -6.66
N TYR C 99 25.12 -38.65 -6.08
CA TYR C 99 24.32 -39.82 -5.76
C TYR C 99 23.76 -40.48 -7.00
N ILE C 100 23.40 -39.66 -8.02
CA ILE C 100 23.04 -40.21 -9.31
C ILE C 100 24.15 -41.13 -9.82
N ARG C 101 25.41 -40.70 -9.66
CA ARG C 101 26.53 -41.57 -10.00
C ARG C 101 26.57 -42.80 -9.11
N LEU C 102 26.20 -42.63 -7.83
CA LEU C 102 26.17 -43.77 -6.92
C LEU C 102 25.07 -44.76 -7.28
N LEU C 103 24.04 -44.33 -8.00
CA LEU C 103 22.99 -45.25 -8.42
C LEU C 103 23.36 -46.01 -9.69
N ALA C 104 24.12 -45.38 -10.58
CA ALA C 104 24.61 -46.10 -11.76
C ALA C 104 25.67 -47.12 -11.39
N ILE C 105 26.27 -47.01 -10.21
CA ILE C 105 27.30 -47.95 -9.79
C ILE C 105 26.65 -49.29 -9.43
N VAL C 106 25.57 -49.26 -8.65
CA VAL C 106 24.94 -50.50 -8.23
C VAL C 106 24.27 -51.19 -9.42
N ARG C 107 23.81 -50.42 -10.41
CA ARG C 107 23.27 -51.04 -11.62
C ARG C 107 24.37 -51.69 -12.45
N ALA C 108 25.60 -51.17 -12.37
CA ALA C 108 26.71 -51.82 -13.04
C ALA C 108 27.05 -53.15 -12.41
N ALA C 109 26.71 -53.33 -11.13
CA ALA C 109 26.91 -54.62 -10.47
C ALA C 109 25.84 -55.63 -10.87
N PHE C 110 24.57 -55.21 -10.82
CA PHE C 110 23.49 -56.09 -11.28
C PHE C 110 23.65 -56.43 -12.75
N ASP C 111 24.15 -55.49 -13.54
CA ASP C 111 24.48 -55.79 -14.94
C ASP C 111 25.61 -56.81 -15.01
N GLN C 112 26.64 -56.65 -14.18
CA GLN C 112 27.71 -57.64 -14.12
C GLN C 112 27.16 -59.01 -13.72
N ARG C 113 26.28 -59.04 -12.71
CA ARG C 113 25.64 -60.29 -12.33
C ARG C 113 24.85 -60.88 -13.50
N MET C 114 24.15 -60.03 -14.25
CA MET C 114 23.47 -60.49 -15.46
C MET C 114 24.42 -60.67 -16.63
N LYS C 115 25.64 -60.13 -16.54
CA LYS C 115 26.63 -60.36 -17.60
C LYS C 115 27.28 -61.72 -17.44
N THR C 116 27.62 -62.12 -16.22
CA THR C 116 28.08 -63.48 -15.97
C THR C 116 26.94 -64.50 -16.04
N TRP C 117 25.70 -64.04 -16.11
CA TRP C 117 24.60 -64.95 -16.45
C TRP C 117 24.83 -65.57 -17.82
N GLN C 118 25.30 -64.76 -18.78
CA GLN C 118 25.73 -65.32 -20.06
C GLN C 118 26.95 -66.22 -19.90
N ARG C 119 27.79 -65.94 -18.92
CA ARG C 119 29.01 -66.74 -18.74
C ARG C 119 28.70 -68.14 -18.24
N TRP C 120 27.99 -68.24 -17.12
CA TRP C 120 27.64 -69.55 -16.56
C TRP C 120 26.65 -70.26 -17.47
N GLN C 121 25.48 -69.66 -17.72
CA GLN C 121 24.42 -70.36 -18.42
C GLN C 121 24.82 -70.82 -19.82
N ASP C 122 25.86 -70.22 -20.40
CA ASP C 122 26.42 -70.77 -21.63
C ASP C 122 27.26 -72.01 -21.34
N ALA C 123 27.97 -72.02 -20.21
CA ALA C 123 28.79 -73.17 -19.87
C ALA C 123 27.92 -74.40 -19.60
N GLN C 124 26.79 -74.22 -18.93
CA GLN C 124 25.83 -75.31 -18.78
C GLN C 124 25.42 -75.86 -20.14
N ALA C 125 25.21 -74.97 -21.10
CA ALA C 125 24.96 -75.43 -22.48
C ALA C 125 26.23 -75.93 -23.13
N THR C 126 27.36 -75.26 -22.89
CA THR C 126 28.64 -75.75 -23.41
C THR C 126 29.00 -77.10 -22.80
N LEU C 127 28.61 -77.33 -21.55
CA LEU C 127 28.79 -78.64 -20.94
C LEU C 127 27.85 -79.66 -21.55
N GLN C 128 26.55 -79.32 -21.63
CA GLN C 128 25.58 -80.24 -22.22
C GLN C 128 25.89 -80.54 -23.68
N LYS C 129 26.40 -79.55 -24.42
CA LYS C 129 26.80 -79.80 -25.80
C LYS C 129 27.90 -80.85 -25.87
N LYS C 130 28.85 -80.80 -24.94
CA LYS C 130 29.85 -81.85 -24.83
C LYS C 130 29.32 -83.13 -24.20
N ARG C 131 28.12 -83.07 -23.61
CA ARG C 131 27.49 -84.27 -23.09
C ARG C 131 26.75 -85.04 -24.18
N GLU C 132 26.09 -84.32 -25.09
CA GLU C 132 25.46 -84.98 -26.23
C GLU C 132 26.47 -85.33 -27.33
N ALA C 133 27.64 -84.69 -27.33
CA ALA C 133 28.70 -85.05 -28.27
C ALA C 133 29.51 -86.24 -27.80
N GLU C 134 29.27 -86.73 -26.57
CA GLU C 134 29.94 -87.90 -26.04
C GLU C 134 29.15 -89.18 -26.24
N ALA C 135 27.84 -89.16 -26.00
CA ALA C 135 27.01 -90.33 -26.21
C ALA C 135 26.81 -90.65 -27.69
N ARG C 136 27.07 -89.68 -28.58
CA ARG C 136 26.99 -89.95 -30.01
C ARG C 136 28.23 -90.70 -30.51
N LEU C 137 29.36 -90.53 -29.84
CA LEU C 137 30.56 -91.30 -30.13
C LEU C 137 30.48 -92.73 -29.59
N LEU C 138 29.39 -93.08 -28.92
CA LEU C 138 29.27 -94.42 -28.36
C LEU C 138 29.16 -95.48 -29.44
N TRP C 139 28.50 -95.15 -30.55
CA TRP C 139 28.36 -96.08 -31.66
C TRP C 139 29.50 -96.00 -32.67
N ALA C 140 30.25 -94.91 -32.68
CA ALA C 140 31.41 -94.81 -33.56
C ALA C 140 32.56 -95.63 -33.00
N ASN C 141 33.39 -96.17 -33.91
CA ASN C 141 34.49 -97.06 -33.53
C ASN C 141 35.76 -96.23 -33.40
N LYS C 142 35.88 -95.53 -32.26
CA LYS C 142 37.06 -94.73 -31.95
C LYS C 142 37.18 -94.60 -30.43
N PRO C 143 37.78 -95.60 -29.78
CA PRO C 143 37.90 -95.54 -28.31
C PRO C 143 39.01 -94.60 -27.86
N ASP C 144 40.02 -94.40 -28.70
CA ASP C 144 41.08 -93.46 -28.38
C ASP C 144 40.54 -92.04 -28.25
N LYS C 145 39.64 -91.66 -29.15
CA LYS C 145 39.08 -90.32 -29.13
C LYS C 145 37.74 -90.26 -28.42
N LEU C 146 37.17 -91.42 -28.06
CA LEU C 146 36.17 -91.43 -26.99
C LEU C 146 36.80 -90.99 -25.68
N GLN C 147 38.09 -91.31 -25.48
CA GLN C 147 38.88 -90.79 -24.38
C GLN C 147 39.45 -89.40 -24.67
N GLN C 148 38.83 -88.66 -25.59
CA GLN C 148 39.14 -87.26 -25.85
C GLN C 148 37.96 -86.36 -25.49
N ALA C 149 36.75 -86.72 -25.94
CA ALA C 149 35.57 -85.96 -25.55
C ALA C 149 35.25 -86.12 -24.08
N LYS C 150 35.56 -87.29 -23.50
CA LYS C 150 35.42 -87.48 -22.06
C LYS C 150 36.29 -86.51 -21.27
N ASP C 151 37.36 -86.00 -21.87
CA ASP C 151 38.22 -85.04 -21.18
C ASP C 151 37.64 -83.63 -21.25
N GLU C 152 36.97 -83.28 -22.34
CA GLU C 152 36.40 -81.94 -22.46
C GLU C 152 35.26 -81.73 -21.47
N ILE C 153 34.40 -82.74 -21.31
CA ILE C 153 33.28 -82.60 -20.37
C ILE C 153 33.80 -82.51 -18.94
N LEU C 154 34.74 -83.38 -18.57
CA LEU C 154 35.30 -83.33 -17.23
C LEU C 154 36.02 -82.01 -16.97
N GLU C 155 36.67 -81.47 -18.00
CA GLU C 155 37.27 -80.14 -17.87
C GLU C 155 36.19 -79.09 -17.65
N TRP C 156 35.13 -79.13 -18.47
CA TRP C 156 34.07 -78.14 -18.37
C TRP C 156 33.14 -78.42 -17.20
N GLU C 157 33.04 -79.67 -16.74
CA GLU C 157 32.24 -79.95 -15.55
C GLU C 157 32.76 -79.18 -14.36
N SER C 158 34.09 -79.04 -14.25
CA SER C 158 34.66 -78.18 -13.22
C SER C 158 34.62 -76.72 -13.66
N ARG C 159 34.61 -76.46 -14.97
CA ARG C 159 34.45 -75.09 -15.43
C ARG C 159 33.06 -74.56 -15.11
N VAL C 160 32.03 -75.37 -15.33
CA VAL C 160 30.67 -74.89 -15.10
C VAL C 160 30.45 -74.60 -13.62
N THR C 161 30.99 -75.43 -12.73
CA THR C 161 30.87 -75.15 -11.30
C THR C 161 31.85 -74.06 -10.87
N GLN C 162 32.91 -73.82 -11.64
CA GLN C 162 33.74 -72.66 -11.41
C GLN C 162 32.95 -71.37 -11.61
N TYR C 163 32.22 -71.28 -12.73
CA TYR C 163 31.36 -70.14 -12.97
C TYR C 163 30.14 -70.16 -12.07
N GLU C 164 29.73 -71.33 -11.59
CA GLU C 164 28.67 -71.40 -10.58
C GLU C 164 29.06 -70.63 -9.33
N ARG C 165 30.31 -70.78 -8.89
CA ARG C 165 30.75 -70.12 -7.67
C ARG C 165 30.94 -68.62 -7.87
N ASP C 166 31.25 -68.21 -9.09
CA ASP C 166 31.38 -66.77 -9.37
C ASP C 166 30.05 -66.05 -9.21
N PHE C 167 28.94 -66.75 -9.39
CA PHE C 167 27.62 -66.13 -9.27
C PHE C 167 27.30 -65.82 -7.80
N GLU C 168 27.50 -66.80 -6.92
CA GLU C 168 27.22 -66.58 -5.51
C GLU C 168 28.15 -65.52 -4.93
N ARG C 169 29.41 -65.51 -5.37
CA ARG C 169 30.35 -64.52 -4.86
C ARG C 169 29.99 -63.11 -5.34
N ILE C 170 29.59 -62.98 -6.61
CA ILE C 170 29.17 -61.67 -7.09
C ILE C 170 27.79 -61.32 -6.54
N SER C 171 26.97 -62.32 -6.24
CA SER C 171 25.69 -62.05 -5.58
C SER C 171 25.90 -61.60 -4.14
N THR C 172 27.00 -62.01 -3.52
CA THR C 172 27.26 -61.66 -2.14
C THR C 172 27.89 -60.27 -2.03
N VAL C 173 28.83 -59.94 -2.93
CA VAL C 173 29.54 -58.68 -2.82
C VAL C 173 28.63 -57.48 -3.06
N VAL C 174 27.52 -57.66 -3.79
CA VAL C 174 26.58 -56.56 -3.94
C VAL C 174 25.65 -56.45 -2.73
N ARG C 175 25.54 -57.51 -1.93
CA ARG C 175 24.82 -57.40 -0.67
C ARG C 175 25.65 -56.63 0.36
N LYS C 176 26.95 -56.89 0.42
CA LYS C 176 27.83 -56.10 1.26
C LYS C 176 27.97 -54.67 0.74
N GLU C 177 27.92 -54.50 -0.58
CA GLU C 177 28.01 -53.17 -1.17
C GLU C 177 26.81 -52.32 -0.77
N VAL C 178 25.65 -52.93 -0.57
CA VAL C 178 24.44 -52.17 -0.26
C VAL C 178 24.39 -51.81 1.22
N ILE C 179 24.44 -52.81 2.09
CA ILE C 179 24.24 -52.56 3.52
C ILE C 179 25.31 -51.63 4.07
N ARG C 180 26.51 -51.62 3.45
CA ARG C 180 27.50 -50.63 3.82
C ARG C 180 27.13 -49.24 3.31
N PHE C 181 26.45 -49.17 2.16
CA PHE C 181 26.07 -47.88 1.60
C PHE C 181 25.04 -47.17 2.49
N GLU C 182 24.04 -47.91 2.98
CA GLU C 182 23.01 -47.30 3.81
C GLU C 182 23.56 -46.92 5.19
N LYS C 183 24.34 -47.81 5.80
CA LYS C 183 24.96 -47.49 7.08
C LYS C 183 25.91 -46.31 6.96
N GLU C 184 26.57 -46.16 5.81
CA GLU C 184 27.41 -45.00 5.59
C GLU C 184 26.58 -43.77 5.25
N LYS C 185 25.49 -43.94 4.50
CA LYS C 185 24.68 -42.81 4.05
C LYS C 185 24.13 -42.01 5.22
N SER C 186 23.31 -42.65 6.05
CA SER C 186 22.66 -41.94 7.15
C SER C 186 23.63 -41.37 8.16
N LYS C 187 24.85 -41.91 8.23
CA LYS C 187 25.82 -41.43 9.22
C LYS C 187 26.32 -40.03 8.87
N ASP C 188 26.99 -39.90 7.71
CA ASP C 188 27.53 -38.62 7.28
C ASP C 188 26.48 -37.70 6.66
N PHE C 189 25.22 -38.14 6.58
CA PHE C 189 24.19 -37.33 5.96
C PHE C 189 23.85 -36.09 6.78
N LYS C 190 23.91 -36.20 8.11
CA LYS C 190 23.51 -35.09 8.98
C LYS C 190 24.34 -33.85 8.69
N ASN C 191 25.67 -33.98 8.68
CA ASN C 191 26.51 -32.83 8.36
C ASN C 191 26.33 -32.39 6.92
N HIS C 192 25.96 -33.31 6.03
CA HIS C 192 25.85 -32.99 4.62
C HIS C 192 24.61 -32.18 4.27
N VAL C 193 23.59 -32.19 5.12
CA VAL C 193 22.42 -31.36 4.93
C VAL C 193 22.50 -30.07 5.73
N ILE C 194 23.01 -30.15 6.97
CA ILE C 194 23.21 -28.95 7.77
C ILE C 194 24.20 -28.01 7.10
N LYS C 195 25.18 -28.55 6.38
CA LYS C 195 26.16 -27.72 5.71
C LYS C 195 25.50 -26.74 4.75
N TYR C 196 24.45 -27.17 4.06
CA TYR C 196 23.76 -26.32 3.12
C TYR C 196 22.71 -25.44 3.77
N LEU C 197 22.05 -25.93 4.82
CA LEU C 197 21.01 -25.13 5.47
C LEU C 197 21.60 -23.93 6.19
N GLU C 198 22.73 -24.12 6.88
CA GLU C 198 23.41 -22.99 7.50
C GLU C 198 23.84 -21.97 6.46
N THR C 199 24.17 -22.43 5.25
CA THR C 199 24.54 -21.51 4.18
C THR C 199 23.39 -20.58 3.82
N LEU C 200 22.18 -21.13 3.73
CA LEU C 200 21.00 -20.30 3.51
C LEU C 200 20.73 -19.39 4.71
N LEU C 201 21.10 -19.84 5.91
CA LEU C 201 20.92 -19.01 7.09
C LEU C 201 21.84 -17.78 7.05
N TYR C 202 23.12 -18.00 6.73
CA TYR C 202 24.06 -16.89 6.61
C TYR C 202 23.61 -15.92 5.50
N SER C 203 22.91 -16.42 4.49
CA SER C 203 22.37 -15.55 3.46
C SER C 203 21.27 -14.65 4.00
N GLN C 204 20.64 -15.02 5.11
CA GLN C 204 19.61 -14.20 5.73
C GLN C 204 20.12 -13.35 6.88
N GLN C 205 21.16 -13.81 7.59
CA GLN C 205 21.81 -12.95 8.57
C GLN C 205 22.47 -11.77 7.87
N GLN C 206 23.14 -12.01 6.75
CA GLN C 206 23.70 -10.91 5.96
C GLN C 206 22.60 -10.09 5.30
N LEU C 207 21.44 -10.70 5.05
CA LEU C 207 20.34 -9.95 4.43
C LEU C 207 19.84 -8.84 5.34
N ALA C 208 19.42 -9.20 6.56
CA ALA C 208 18.91 -8.21 7.50
C ALA C 208 19.97 -7.16 7.84
N LYS C 209 21.18 -7.62 8.19
CA LYS C 209 22.24 -6.71 8.60
C LYS C 209 22.46 -5.59 7.58
N TYR C 210 22.23 -5.87 6.30
CA TYR C 210 22.40 -4.83 5.29
C TYR C 210 21.25 -3.82 5.34
N TRP C 211 20.04 -4.27 5.67
CA TRP C 211 18.91 -3.35 5.77
C TRP C 211 18.88 -2.64 7.11
N GLU C 212 19.16 -3.35 8.21
CA GLU C 212 19.18 -2.73 9.52
C GLU C 212 20.16 -1.56 9.58
N ALA C 213 21.19 -1.57 8.74
CA ALA C 213 22.10 -0.45 8.64
C ALA C 213 21.61 0.62 7.68
N PHE C 214 20.74 0.25 6.72
CA PHE C 214 20.22 1.20 5.75
C PHE C 214 18.97 1.92 6.24
N LEU C 215 18.20 1.28 7.12
CA LEU C 215 17.00 1.92 7.66
C LEU C 215 17.29 3.27 8.32
N PRO C 216 18.32 3.43 9.15
CA PRO C 216 18.59 4.77 9.71
C PRO C 216 18.93 5.81 8.66
N GLU C 217 19.61 5.42 7.58
CA GLU C 217 19.92 6.38 6.53
C GLU C 217 18.69 6.78 5.74
N ALA C 218 17.72 5.88 5.61
CA ALA C 218 16.46 6.24 4.98
C ALA C 218 15.68 7.22 5.83
N LYS C 219 15.87 7.20 7.15
CA LYS C 219 15.24 8.18 8.03
C LYS C 219 15.91 9.55 7.93
N ALA C 220 17.15 9.61 7.43
CA ALA C 220 17.90 10.86 7.42
C ALA C 220 17.38 11.87 6.41
N ILE C 221 16.45 11.48 5.53
CA ILE C 221 15.93 12.40 4.52
C ILE C 221 15.14 13.50 5.21
N SER C 222 15.44 14.75 4.86
CA SER C 222 14.73 15.90 5.41
C SER C 222 14.99 17.14 4.57
N ASP D 12 11.10 32.44 -18.34
CA ASP D 12 11.53 32.08 -17.00
C ASP D 12 12.65 31.05 -17.04
N ASP D 13 13.53 31.09 -16.04
CA ASP D 13 14.61 30.11 -15.91
C ASP D 13 14.17 28.89 -15.11
N PHE D 14 13.37 29.11 -14.06
CA PHE D 14 12.80 27.98 -13.32
C PHE D 14 11.97 27.09 -14.23
N PHE D 15 11.28 27.70 -15.20
CA PHE D 15 10.52 26.95 -16.18
C PHE D 15 11.40 26.36 -17.27
N GLU D 16 12.64 26.82 -17.39
CA GLU D 16 13.60 26.17 -18.27
C GLU D 16 14.37 25.10 -17.51
N GLN D 17 15.05 25.49 -16.42
CA GLN D 17 15.87 24.55 -15.66
C GLN D 17 15.09 23.30 -15.26
N GLU D 18 13.80 23.45 -14.94
CA GLU D 18 12.98 22.27 -14.65
C GLU D 18 12.54 21.56 -15.91
N LYS D 19 12.42 22.28 -17.03
CA LYS D 19 12.11 21.62 -18.30
C LYS D 19 13.23 20.68 -18.71
N ASN D 20 14.45 21.21 -18.88
CA ASN D 20 15.59 20.36 -19.24
C ASN D 20 15.81 19.26 -18.21
N PHE D 21 15.38 19.46 -16.97
CA PHE D 21 15.49 18.41 -15.96
C PHE D 21 14.40 17.37 -16.11
N LEU D 22 13.15 17.82 -16.30
CA LEU D 22 12.02 16.89 -16.40
C LEU D 22 12.10 15.97 -17.59
N ILE D 23 12.98 16.23 -18.55
CA ILE D 23 13.11 15.36 -19.71
C ILE D 23 14.17 14.28 -19.48
N ASN D 24 15.26 14.63 -18.81
CA ASN D 24 16.30 13.66 -18.53
C ASN D 24 15.99 12.84 -17.28
N TYR D 25 15.44 13.47 -16.25
CA TYR D 25 15.12 12.75 -15.03
C TYR D 25 14.07 11.67 -15.29
N TYR D 26 13.07 11.99 -16.11
CA TYR D 26 12.12 10.97 -16.53
C TYR D 26 12.80 9.87 -17.35
N ASN D 27 13.80 10.25 -18.15
CA ASN D 27 14.52 9.26 -18.94
C ASN D 27 15.23 8.25 -18.04
N ARG D 28 15.89 8.73 -16.99
CA ARG D 28 16.48 7.82 -16.02
C ARG D 28 15.42 7.11 -15.20
N ILE D 29 14.24 7.69 -15.06
CA ILE D 29 13.13 6.98 -14.43
C ILE D 29 12.67 5.82 -15.31
N LYS D 30 12.67 6.02 -16.63
CA LYS D 30 12.34 4.94 -17.55
C LYS D 30 13.33 3.79 -17.41
N ASP D 31 14.61 4.11 -17.21
CA ASP D 31 15.61 3.07 -16.98
C ASP D 31 15.28 2.26 -15.74
N SER D 32 14.89 2.92 -14.66
CA SER D 32 14.68 2.27 -13.38
C SER D 32 13.25 1.78 -13.18
N CYS D 33 12.33 2.06 -14.10
CA CYS D 33 10.96 1.59 -13.95
C CYS D 33 10.81 0.14 -14.40
N VAL D 34 11.48 -0.23 -15.50
CA VAL D 34 11.36 -1.59 -16.00
C VAL D 34 12.33 -2.52 -15.29
N LYS D 35 13.51 -2.03 -14.90
CA LYS D 35 14.48 -2.87 -14.22
C LYS D 35 13.97 -3.36 -12.87
N ALA D 36 13.02 -2.65 -12.26
CA ALA D 36 12.39 -3.17 -11.05
C ALA D 36 11.41 -4.30 -11.38
N ASP D 37 10.81 -4.26 -12.57
CA ASP D 37 9.94 -5.35 -12.99
C ASP D 37 10.74 -6.60 -13.29
N LYS D 38 11.81 -6.47 -14.08
CA LYS D 38 12.65 -7.62 -14.44
C LYS D 38 13.21 -8.31 -13.21
N MET D 39 13.30 -7.62 -12.08
CA MET D 39 13.76 -8.23 -10.84
C MET D 39 12.62 -8.90 -10.09
N THR D 40 11.49 -8.21 -9.96
CA THR D 40 10.35 -8.80 -9.26
C THR D 40 9.74 -9.95 -10.04
N ARG D 41 9.80 -9.92 -11.37
CA ARG D 41 9.25 -11.01 -12.16
C ARG D 41 10.14 -12.24 -12.07
N SER D 42 11.44 -12.08 -12.29
CA SER D 42 12.35 -13.22 -12.20
C SER D 42 12.42 -13.76 -10.78
N HIS D 43 12.15 -12.93 -9.78
CA HIS D 43 12.08 -13.41 -8.41
C HIS D 43 10.88 -14.34 -8.23
N LYS D 44 9.74 -14.00 -8.83
CA LYS D 44 8.57 -14.86 -8.75
C LYS D 44 8.83 -16.20 -9.44
N ASN D 45 9.71 -16.22 -10.45
CA ASN D 45 10.11 -17.48 -11.06
C ASN D 45 10.77 -18.38 -10.03
N VAL D 46 11.68 -17.82 -9.23
CA VAL D 46 12.28 -18.58 -8.14
C VAL D 46 11.20 -19.04 -7.16
N ALA D 47 10.25 -18.16 -6.86
CA ALA D 47 9.12 -18.55 -6.02
C ALA D 47 8.33 -19.67 -6.68
N ASP D 48 8.00 -19.51 -7.97
CA ASP D 48 7.36 -20.60 -8.70
C ASP D 48 8.27 -21.81 -8.80
N ASP D 49 9.59 -21.60 -8.77
CA ASP D 49 10.51 -22.72 -8.72
C ASP D 49 10.53 -23.37 -7.34
N TYR D 50 10.23 -22.60 -6.30
CA TYR D 50 10.26 -23.14 -4.94
C TYR D 50 9.23 -24.25 -4.78
N ILE D 51 8.01 -24.03 -5.27
CA ILE D 51 6.99 -25.06 -5.19
C ILE D 51 7.31 -26.23 -6.11
N HIS D 52 8.20 -26.04 -7.08
CA HIS D 52 8.62 -27.13 -7.94
C HIS D 52 9.52 -28.10 -7.18
N THR D 53 10.38 -27.59 -6.29
CA THR D 53 11.26 -28.45 -5.53
C THR D 53 10.48 -29.25 -4.49
N ALA D 54 9.62 -28.58 -3.73
CA ALA D 54 8.83 -29.28 -2.71
C ALA D 54 7.95 -30.35 -3.33
N ALA D 55 7.54 -30.17 -4.59
CA ALA D 55 6.81 -31.22 -5.29
C ALA D 55 7.67 -32.46 -5.48
N CYS D 56 8.92 -32.26 -5.93
CA CYS D 56 9.86 -33.36 -6.04
C CYS D 56 10.50 -33.75 -4.70
N LEU D 57 10.32 -32.92 -3.67
CA LEU D 57 10.82 -33.27 -2.34
C LEU D 57 9.90 -34.27 -1.65
N HIS D 58 8.60 -34.01 -1.65
CA HIS D 58 7.65 -34.95 -1.09
C HIS D 58 7.60 -36.23 -1.91
N SER D 59 7.67 -36.12 -3.24
CA SER D 59 7.61 -37.28 -4.12
C SER D 59 8.85 -38.17 -4.01
N LEU D 60 9.88 -37.73 -3.30
CA LEU D 60 11.09 -38.52 -3.14
C LEU D 60 11.19 -39.16 -1.75
N ALA D 61 10.75 -38.45 -0.72
CA ALA D 61 10.82 -38.92 0.68
C ALA D 61 9.84 -40.03 0.99
N LEU D 62 9.16 -40.64 0.01
CA LEU D 62 8.09 -41.58 0.34
C LEU D 62 8.61 -42.98 0.67
N GLU D 63 9.56 -43.49 -0.12
CA GLU D 63 10.01 -44.87 -0.01
C GLU D 63 11.28 -45.02 0.81
N GLU D 64 11.63 -44.03 1.59
CA GLU D 64 12.91 -44.00 2.29
C GLU D 64 12.74 -44.38 3.76
N PRO D 65 13.83 -44.84 4.41
CA PRO D 65 13.73 -45.29 5.81
C PRO D 65 13.09 -44.28 6.75
N THR D 66 12.64 -44.77 7.92
CA THR D 66 11.85 -43.94 8.83
C THR D 66 12.62 -42.71 9.28
N VAL D 67 13.87 -42.89 9.73
CA VAL D 67 14.68 -41.76 10.16
C VAL D 67 14.87 -40.78 9.01
N ILE D 68 15.08 -41.30 7.80
CA ILE D 68 15.20 -40.43 6.63
C ILE D 68 13.84 -39.86 6.26
N LYS D 69 12.76 -40.62 6.47
CA LYS D 69 11.42 -40.11 6.18
C LYS D 69 11.11 -38.89 7.03
N LYS D 70 11.30 -39.00 8.36
CA LYS D 70 11.02 -37.88 9.25
C LYS D 70 11.89 -36.68 8.92
N TYR D 71 13.19 -36.91 8.74
CA TYR D 71 14.13 -35.83 8.45
C TYR D 71 13.88 -35.16 7.12
N LEU D 72 12.92 -35.64 6.32
CA LEU D 72 12.66 -35.06 5.01
C LEU D 72 11.27 -34.45 4.87
N LEU D 73 10.28 -34.94 5.61
CA LEU D 73 8.97 -34.32 5.54
C LEU D 73 8.96 -32.96 6.24
N LYS D 74 9.74 -32.81 7.30
CA LYS D 74 9.82 -31.54 8.01
C LYS D 74 10.72 -30.52 7.32
N VAL D 75 11.29 -30.86 6.16
CA VAL D 75 12.07 -29.92 5.38
C VAL D 75 11.41 -29.59 4.05
N ALA D 76 10.53 -30.45 3.53
CA ALA D 76 9.77 -30.08 2.34
C ALA D 76 8.68 -29.08 2.68
N GLU D 77 8.19 -29.09 3.92
CA GLU D 77 7.21 -28.10 4.35
C GLU D 77 7.85 -26.73 4.50
N LEU D 78 9.11 -26.68 4.95
CA LEU D 78 9.79 -25.40 5.12
C LEU D 78 9.92 -24.67 3.79
N PHE D 79 10.08 -25.40 2.69
CA PHE D 79 10.08 -24.77 1.38
C PHE D 79 8.72 -24.20 1.03
N GLU D 80 7.65 -24.89 1.44
CA GLU D 80 6.31 -24.34 1.26
C GLU D 80 6.14 -23.06 2.06
N LYS D 81 6.67 -23.02 3.29
CA LYS D 81 6.63 -21.80 4.07
C LYS D 81 7.44 -20.69 3.41
N LEU D 82 8.46 -21.05 2.64
CA LEU D 82 9.30 -20.05 1.99
C LEU D 82 8.63 -19.48 0.74
N ARG D 83 8.05 -20.36 -0.09
CA ARG D 83 7.30 -19.88 -1.25
C ARG D 83 6.15 -18.97 -0.82
N LYS D 84 5.54 -19.26 0.34
CA LYS D 84 4.54 -18.35 0.89
C LYS D 84 5.15 -17.00 1.23
N VAL D 85 6.40 -16.99 1.67
CA VAL D 85 7.09 -15.75 2.01
C VAL D 85 7.74 -15.12 0.78
N GLU D 86 8.36 -15.94 -0.07
CA GLU D 86 9.03 -15.41 -1.26
C GLU D 86 8.04 -14.76 -2.21
N GLY D 87 6.81 -15.27 -2.28
CA GLY D 87 5.79 -14.61 -3.08
C GLY D 87 5.27 -13.34 -2.46
N ARG D 88 5.50 -13.14 -1.16
CA ARG D 88 5.04 -11.93 -0.48
C ARG D 88 6.03 -10.79 -0.66
N VAL D 89 7.33 -11.07 -0.60
CA VAL D 89 8.32 -10.00 -0.71
C VAL D 89 8.35 -9.44 -2.12
N SER D 90 8.41 -10.31 -3.14
CA SER D 90 8.43 -9.85 -4.52
C SER D 90 7.21 -8.98 -4.83
N SER D 91 6.05 -9.35 -4.28
CA SER D 91 4.87 -8.51 -4.42
C SER D 91 5.05 -7.20 -3.64
N ASP D 92 5.45 -7.30 -2.38
CA ASP D 92 5.66 -6.09 -1.57
C ASP D 92 6.81 -5.26 -2.13
N GLU D 93 7.80 -5.88 -2.75
CA GLU D 93 8.84 -5.13 -3.45
C GLU D 93 8.35 -4.57 -4.77
N ASP D 94 7.27 -5.11 -5.33
CA ASP D 94 6.67 -4.49 -6.50
C ASP D 94 5.77 -3.32 -6.10
N LEU D 95 5.06 -3.45 -4.98
CA LEU D 95 4.21 -2.35 -4.51
C LEU D 95 5.03 -1.14 -4.13
N LYS D 96 5.90 -1.28 -3.14
CA LYS D 96 6.65 -0.14 -2.63
C LYS D 96 7.58 0.44 -3.69
N LEU D 97 8.46 -0.41 -4.24
CA LEU D 97 9.45 0.07 -5.18
C LEU D 97 8.84 0.45 -6.52
N THR D 98 8.34 -0.54 -7.26
CA THR D 98 8.00 -0.32 -8.67
C THR D 98 6.79 0.60 -8.85
N GLU D 99 5.79 0.51 -7.97
CA GLU D 99 4.64 1.41 -8.10
C GLU D 99 4.97 2.85 -7.74
N LEU D 100 6.13 3.09 -7.11
CA LEU D 100 6.55 4.46 -6.83
C LEU D 100 7.22 5.08 -8.05
N LEU D 101 7.90 4.28 -8.87
CA LEU D 101 8.48 4.81 -10.10
C LEU D 101 7.44 4.92 -11.21
N ARG D 102 6.46 4.02 -11.25
CA ARG D 102 5.48 4.03 -12.32
C ARG D 102 4.50 5.19 -12.16
N TYR D 103 3.76 5.22 -11.05
CA TYR D 103 2.76 6.26 -10.85
C TYR D 103 3.38 7.66 -10.92
N TYR D 104 4.61 7.80 -10.43
CA TYR D 104 5.30 9.08 -10.51
C TYR D 104 5.95 9.30 -11.88
N MET D 105 5.86 8.32 -12.79
CA MET D 105 6.26 8.55 -14.17
C MET D 105 5.14 9.24 -14.95
N LEU D 106 3.89 8.86 -14.69
CA LEU D 106 2.77 9.55 -15.34
C LEU D 106 2.56 10.94 -14.76
N ASN D 107 2.82 11.12 -13.45
CA ASN D 107 2.64 12.43 -12.84
C ASN D 107 3.66 13.44 -13.37
N ILE D 108 4.86 12.98 -13.72
CA ILE D 108 5.85 13.89 -14.30
C ILE D 108 5.37 14.45 -15.63
N GLU D 109 4.96 13.56 -16.54
CA GLU D 109 4.45 14.01 -17.83
C GLU D 109 3.15 14.78 -17.69
N ALA D 110 2.37 14.49 -16.63
CA ALA D 110 1.21 15.32 -16.35
C ALA D 110 1.61 16.73 -15.98
N ALA D 111 2.76 16.90 -15.32
CA ALA D 111 3.28 18.23 -15.04
C ALA D 111 3.88 18.87 -16.28
N LYS D 112 4.24 18.08 -17.31
CA LYS D 112 4.75 18.65 -18.53
C LYS D 112 3.69 19.45 -19.27
N ASP D 113 2.43 19.00 -19.20
CA ASP D 113 1.34 19.76 -19.81
C ASP D 113 1.21 21.15 -19.19
N LEU D 114 1.57 21.28 -17.91
CA LEU D 114 1.60 22.59 -17.27
C LEU D 114 2.63 23.49 -17.95
N LEU D 115 3.87 23.01 -18.08
CA LEU D 115 4.89 23.77 -18.79
C LEU D 115 4.51 23.98 -20.25
N TYR D 116 3.87 22.99 -20.87
CA TYR D 116 3.38 23.15 -22.23
C TYR D 116 2.32 24.25 -22.30
N ARG D 117 1.30 24.16 -21.45
CA ARG D 117 0.24 25.16 -21.46
C ARG D 117 0.76 26.52 -21.03
N ARG D 118 1.81 26.56 -20.19
CA ARG D 118 2.40 27.84 -19.81
C ARG D 118 3.11 28.48 -21.00
N THR D 119 3.93 27.69 -21.71
CA THR D 119 4.62 28.22 -22.87
C THR D 119 3.64 28.73 -23.93
N LYS D 120 2.47 28.10 -24.03
CA LYS D 120 1.41 28.64 -24.87
C LYS D 120 0.99 30.02 -24.39
N ALA D 121 0.44 30.09 -23.17
CA ALA D 121 0.00 31.36 -22.61
C ALA D 121 1.13 32.38 -22.57
N LEU D 122 2.38 31.91 -22.53
CA LEU D 122 3.51 32.82 -22.67
C LEU D 122 3.52 33.46 -24.05
N ILE D 123 3.48 32.64 -25.11
CA ILE D 123 3.46 33.20 -26.45
C ILE D 123 2.06 33.63 -26.85
N ASP D 124 1.02 32.98 -26.31
CA ASP D 124 -0.34 33.49 -26.51
C ASP D 124 -0.50 34.89 -25.93
N TYR D 125 0.39 35.30 -25.03
CA TYR D 125 0.43 36.66 -24.54
C TYR D 125 1.54 37.49 -25.17
N GLU D 126 2.73 36.91 -25.33
CA GLU D 126 3.83 37.65 -25.95
C GLU D 126 3.49 38.06 -27.39
N ASN D 127 2.74 37.21 -28.11
CA ASN D 127 2.31 37.57 -29.45
C ASN D 127 1.20 38.62 -29.44
N SER D 128 0.44 38.70 -28.36
CA SER D 128 -0.51 39.80 -28.21
C SER D 128 0.16 41.07 -27.69
N ASN D 129 1.34 40.94 -27.05
CA ASN D 129 2.09 42.11 -26.63
C ASN D 129 2.71 42.83 -27.81
N LYS D 130 2.97 42.13 -28.92
CA LYS D 130 3.48 42.76 -30.12
C LYS D 130 2.41 43.56 -30.86
N ALA D 131 1.14 43.34 -30.55
CA ALA D 131 0.05 44.06 -31.19
C ALA D 131 -0.73 44.91 -30.19
N GLN D 149 -6.69 42.81 -26.36
CA GLN D 149 -6.89 42.74 -24.92
C GLN D 149 -5.60 42.42 -24.18
N GLN D 150 -5.36 43.14 -23.08
CA GLN D 150 -4.27 42.86 -22.15
C GLN D 150 -4.68 41.79 -21.12
N GLU D 151 -5.75 41.04 -21.40
CA GLU D 151 -6.28 40.12 -20.41
C GLU D 151 -5.42 38.87 -20.24
N CYS D 152 -4.67 38.47 -21.27
CA CYS D 152 -3.86 37.26 -21.11
C CYS D 152 -2.65 37.48 -20.20
N CYS D 153 -2.40 38.71 -19.74
CA CYS D 153 -1.56 38.88 -18.56
C CYS D 153 -2.22 38.22 -17.35
N GLN D 154 -3.55 38.33 -17.26
CA GLN D 154 -4.32 37.57 -16.29
C GLN D 154 -4.47 36.11 -16.71
N LYS D 155 -3.71 35.68 -17.72
CA LYS D 155 -3.47 34.27 -18.00
C LYS D 155 -1.99 33.91 -18.00
N PHE D 156 -1.11 34.83 -18.37
CA PHE D 156 0.31 34.51 -18.40
C PHE D 156 0.87 34.32 -17.00
N GLU D 157 0.85 35.39 -16.18
CA GLU D 157 1.55 35.37 -14.91
C GLU D 157 0.99 34.36 -13.91
N GLN D 158 -0.23 33.88 -14.12
CA GLN D 158 -0.80 32.86 -13.23
C GLN D 158 -0.63 31.45 -13.77
N LEU D 159 -1.00 31.21 -15.03
CA LEU D 159 -0.69 29.91 -15.63
C LEU D 159 0.79 29.61 -15.52
N SER D 160 1.62 30.65 -15.47
CA SER D 160 3.01 30.51 -15.08
C SER D 160 3.09 30.16 -13.60
N GLU D 161 2.70 31.09 -12.73
CA GLU D 161 2.88 30.88 -11.29
C GLU D 161 2.12 29.66 -10.79
N SER D 162 0.93 29.36 -11.34
CA SER D 162 0.23 28.16 -10.93
C SER D 162 1.00 26.92 -11.35
N ALA D 163 1.64 26.94 -12.52
CA ALA D 163 2.57 25.89 -12.87
C ALA D 163 3.73 25.85 -11.89
N LYS D 164 4.19 27.01 -11.44
CA LYS D 164 5.23 27.08 -10.42
C LYS D 164 4.77 26.37 -9.15
N GLU D 165 3.84 26.99 -8.40
CA GLU D 165 3.46 26.49 -7.09
C GLU D 165 3.06 25.02 -7.11
N GLU D 166 2.60 24.52 -8.25
CA GLU D 166 2.30 23.09 -8.37
C GLU D 166 3.51 22.26 -8.76
N LEU D 167 4.57 22.88 -9.27
CA LEU D 167 5.80 22.15 -9.56
C LEU D 167 6.58 21.86 -8.29
N ILE D 168 6.69 22.84 -7.38
CA ILE D 168 7.32 22.57 -6.09
C ILE D 168 6.42 21.70 -5.22
N ASN D 169 5.10 21.84 -5.35
CA ASN D 169 4.18 20.91 -4.70
C ASN D 169 4.49 19.48 -5.12
N PHE D 170 4.88 19.28 -6.37
CA PHE D 170 5.32 17.97 -6.81
C PHE D 170 6.71 17.63 -6.29
N LYS D 171 7.58 18.64 -6.14
CA LYS D 171 8.95 18.38 -5.71
C LYS D 171 9.05 18.15 -4.20
N ARG D 172 8.11 18.69 -3.43
CA ARG D 172 8.19 18.57 -1.97
C ARG D 172 7.46 17.35 -1.45
N LYS D 173 6.27 17.07 -1.97
CA LYS D 173 5.53 15.89 -1.52
C LYS D 173 6.24 14.60 -1.94
N ARG D 174 6.85 14.59 -3.11
CA ARG D 174 7.56 13.41 -3.58
C ARG D 174 8.71 13.05 -2.64
N VAL D 175 9.37 14.06 -2.08
CA VAL D 175 10.42 13.80 -1.09
C VAL D 175 9.83 13.11 0.14
N ALA D 176 8.71 13.64 0.65
CA ALA D 176 8.05 13.00 1.77
C ALA D 176 7.47 11.65 1.38
N ALA D 177 7.11 11.47 0.10
CA ALA D 177 6.59 10.19 -0.35
C ALA D 177 7.71 9.16 -0.46
N PHE D 178 8.85 9.55 -1.04
CA PHE D 178 9.96 8.62 -1.17
C PHE D 178 10.48 8.17 0.19
N ARG D 179 10.58 9.10 1.14
CA ARG D 179 11.05 8.73 2.48
C ARG D 179 10.05 7.83 3.19
N LYS D 180 8.75 8.11 3.03
CA LYS D 180 7.74 7.27 3.67
C LYS D 180 7.81 5.84 3.16
N ASN D 181 7.93 5.67 1.85
CA ASN D 181 8.01 4.32 1.28
C ASN D 181 9.36 3.68 1.57
N LEU D 182 10.43 4.46 1.62
CA LEU D 182 11.75 3.89 1.91
C LEU D 182 11.79 3.29 3.31
N ILE D 183 11.24 4.01 4.31
CA ILE D 183 11.17 3.47 5.66
C ILE D 183 10.38 2.17 5.64
N GLU D 184 9.09 2.24 5.26
CA GLU D 184 8.21 1.09 5.32
C GLU D 184 8.80 -0.11 4.57
N MET D 185 9.46 0.14 3.44
CA MET D 185 10.06 -0.96 2.69
C MET D 185 11.07 -1.73 3.54
N SER D 186 11.89 -1.02 4.30
CA SER D 186 12.87 -1.70 5.14
C SER D 186 12.21 -2.46 6.27
N GLU D 187 11.12 -1.92 6.82
CA GLU D 187 10.41 -2.62 7.88
C GLU D 187 9.87 -3.97 7.40
N LEU D 188 9.54 -4.07 6.11
CA LEU D 188 9.16 -5.36 5.56
C LEU D 188 10.37 -6.27 5.37
N GLU D 189 11.47 -5.72 4.86
CA GLU D 189 12.67 -6.51 4.65
C GLU D 189 13.19 -7.08 5.97
N ILE D 190 13.03 -6.33 7.05
CA ILE D 190 13.39 -6.86 8.37
C ILE D 190 12.33 -7.84 8.84
N LYS D 191 11.05 -7.52 8.64
CA LYS D 191 9.99 -8.42 9.04
C LYS D 191 10.10 -9.77 8.35
N HIS D 192 10.65 -9.79 7.14
CA HIS D 192 10.72 -11.02 6.36
C HIS D 192 12.03 -11.77 6.58
N ALA D 193 13.16 -11.08 6.49
CA ALA D 193 14.45 -11.73 6.71
C ALA D 193 14.51 -12.35 8.10
N ARG D 194 14.10 -11.58 9.12
CA ARG D 194 14.05 -12.13 10.48
C ARG D 194 13.05 -13.28 10.57
N ASN D 195 12.00 -13.25 9.75
CA ASN D 195 11.06 -14.36 9.74
C ASN D 195 11.69 -15.61 9.17
N ASN D 196 12.52 -15.46 8.13
CA ASN D 196 13.20 -16.62 7.56
C ASN D 196 14.20 -17.21 8.55
N VAL D 197 14.94 -16.36 9.25
CA VAL D 197 15.80 -16.85 10.32
C VAL D 197 14.97 -17.48 11.42
N SER D 198 13.82 -16.86 11.75
CA SER D 198 12.92 -17.48 12.70
C SER D 198 12.42 -18.83 12.21
N LEU D 199 12.38 -19.03 10.89
CA LEU D 199 12.00 -20.30 10.29
C LEU D 199 13.21 -21.22 10.12
N LEU D 200 14.32 -20.68 9.63
CA LEU D 200 15.50 -21.52 9.40
C LEU D 200 16.13 -21.96 10.71
N GLN D 201 16.17 -21.07 11.71
CA GLN D 201 16.70 -21.44 13.03
C GLN D 201 15.70 -22.24 13.85
N SER D 202 14.95 -23.11 13.21
CA SER D 202 14.08 -24.08 13.85
C SER D 202 14.30 -25.48 13.30
N CYS D 203 14.48 -25.62 11.99
CA CYS D 203 14.73 -26.93 11.41
C CYS D 203 16.18 -27.38 11.63
N ILE D 204 17.13 -26.43 11.58
CA ILE D 204 18.54 -26.78 11.80
C ILE D 204 18.74 -27.31 13.20
N ASP D 205 18.20 -26.61 14.19
CA ASP D 205 18.34 -27.00 15.59
C ASP D 205 17.56 -28.27 15.94
N LEU D 206 16.84 -28.85 14.98
CA LEU D 206 16.14 -30.10 15.18
C LEU D 206 16.94 -31.31 14.69
N PHE D 207 18.16 -31.09 14.21
CA PHE D 207 18.96 -32.16 13.61
C PHE D 207 20.16 -32.52 14.48
N LYS D 208 21.02 -31.54 14.82
CA LYS D 208 22.18 -31.82 15.64
C LYS D 208 21.80 -32.33 17.02
N ASN D 209 20.67 -31.87 17.55
CA ASN D 209 20.16 -32.33 18.83
C ASN D 209 19.15 -33.46 18.70
N ASN D 210 18.81 -33.85 17.47
CA ASN D 210 17.92 -34.97 17.20
C ASN D 210 16.55 -34.79 17.86
PT PT E . -34.02 41.73 11.54
PT PT F . -29.28 57.24 16.01
PT PT G . 2.64 1.57 11.85
PT PT H . 21.73 -61.79 -14.42
PT PT I . 9.88 -45.93 -11.68
PT PT J . 2.21 -16.34 -5.23
PT PT K . 4.78 -23.48 -11.11
PT PT L . 3.41 -26.79 -9.90
#